data_6GTX
#
_entry.id   6GTX
#
_cell.length_a   74.609
_cell.length_b   97.680
_cell.length_c   77.910
_cell.angle_alpha   90.00
_cell.angle_beta   114.74
_cell.angle_gamma   90.00
#
_symmetry.space_group_name_H-M   'P 1 21 1'
#
loop_
_entity.id
_entity.type
_entity.pdbx_description
1 polymer 'Type 1 fimbrin D-mannose specific adhesin'
2 branched 'alpha-D-mannopyranose-(1-2)-methyl alpha-D-mannopyranoside'
3 non-polymer 'SULFATE ION'
4 water water
#
_entity_poly.entity_id   1
_entity_poly.type   'polypeptide(L)'
_entity_poly.pdbx_seq_one_letter_code
;FACKTANGTAIPIGGGSANVYVNLAPVVNVGQNLVVDLSTQIFCHNDYPETITDYVTLQRGSAYGGVLSNFSGTVKYSGS
SYPFPTTSETPRVVYNSRTDKPWPVALYLTPVSSAGGVAIKAGSLIAVLILRQTNNYNSDDFQFVWNIYANNDVVVPT
;
_entity_poly.pdbx_strand_id   A,B,C,D
#
loop_
_chem_comp.id
_chem_comp.type
_chem_comp.name
_chem_comp.formula
MAN D-saccharide, alpha linking alpha-D-mannopyranose 'C6 H12 O6'
MMA D-saccharide 'methyl alpha-D-mannopyranoside' 'C7 H14 O6'
SO4 non-polymer 'SULFATE ION' 'O4 S -2'
#
# COMPACT_ATOMS: atom_id res chain seq x y z
N PHE A 1 0.15 -13.75 -16.67
CA PHE A 1 -0.16 -12.30 -16.82
C PHE A 1 0.85 -11.59 -17.71
N ALA A 2 0.35 -10.90 -18.73
CA ALA A 2 1.21 -10.15 -19.64
C ALA A 2 0.43 -8.94 -20.14
N CYS A 3 1.16 -7.97 -20.66
CA CYS A 3 0.57 -6.72 -21.12
C CYS A 3 1.13 -6.36 -22.49
N LYS A 4 0.33 -5.65 -23.27
CA LYS A 4 0.76 -5.17 -24.58
C LYS A 4 0.26 -3.76 -24.77
N THR A 5 0.92 -3.02 -25.65
CA THR A 5 0.52 -1.67 -25.99
C THR A 5 -0.35 -1.67 -27.24
N ALA A 6 -1.08 -0.58 -27.43
CA ALA A 6 -1.93 -0.46 -28.61
C ALA A 6 -1.12 -0.61 -29.89
N ASN A 7 0.11 -0.09 -29.89
CA ASN A 7 0.97 -0.19 -31.07
C ASN A 7 1.42 -1.64 -31.29
N GLY A 8 1.58 -2.41 -30.22
CA GLY A 8 1.87 -3.82 -30.36
C GLY A 8 2.99 -4.33 -29.48
N THR A 9 3.73 -3.42 -28.85
CA THR A 9 4.81 -3.82 -27.98
C THR A 9 4.27 -4.62 -26.79
N ALA A 10 4.88 -5.76 -26.52
CA ALA A 10 4.43 -6.66 -25.47
C ALA A 10 5.47 -6.76 -24.37
N ILE A 11 5.01 -6.88 -23.14
CA ILE A 11 5.85 -7.25 -22.01
C ILE A 11 5.35 -8.61 -21.53
N PRO A 12 6.17 -9.66 -21.61
CA PRO A 12 5.67 -11.01 -21.33
C PRO A 12 5.54 -11.34 -19.86
N ILE A 13 5.19 -12.61 -19.60
CA ILE A 13 5.18 -13.13 -18.24
C ILE A 13 6.49 -12.79 -17.56
N GLY A 14 6.42 -12.35 -16.31
CA GLY A 14 7.58 -12.01 -15.54
C GLY A 14 7.92 -10.53 -15.51
N GLY A 15 7.26 -9.71 -16.32
CA GLY A 15 7.50 -8.29 -16.33
C GLY A 15 8.56 -7.86 -17.32
N GLY A 16 8.88 -6.58 -17.24
CA GLY A 16 9.80 -5.95 -18.17
C GLY A 16 9.45 -4.48 -18.32
N SER A 17 9.96 -3.89 -19.40
CA SER A 17 9.72 -2.48 -19.68
C SER A 17 9.37 -2.30 -21.16
N ALA A 18 8.64 -1.22 -21.44
CA ALA A 18 8.26 -0.88 -22.80
C ALA A 18 8.05 0.62 -22.90
N ASN A 19 8.18 1.14 -24.11
CA ASN A 19 7.97 2.56 -24.39
C ASN A 19 6.59 2.77 -24.99
N VAL A 20 5.90 3.81 -24.52
CA VAL A 20 4.57 4.15 -25.00
C VAL A 20 4.60 5.59 -25.51
N TYR A 21 4.29 5.76 -26.79
CA TYR A 21 4.26 7.08 -27.42
C TYR A 21 2.81 7.52 -27.53
N VAL A 22 2.50 8.67 -26.94
CA VAL A 22 1.12 9.13 -26.79
C VAL A 22 0.95 10.46 -27.51
N ASN A 23 -0.19 10.62 -28.18
CA ASN A 23 -0.58 11.91 -28.72
C ASN A 23 -1.10 12.79 -27.59
N LEU A 24 -0.78 14.08 -27.65
CA LEU A 24 -1.15 15.03 -26.62
C LEU A 24 -1.84 16.23 -27.25
N ALA A 25 -2.75 16.84 -26.49
CA ALA A 25 -3.37 18.08 -26.91
C ALA A 25 -2.28 19.08 -27.32
N PRO A 26 -2.29 19.56 -28.57
CA PRO A 26 -1.19 20.42 -29.02
C PRO A 26 -1.23 21.83 -28.44
N VAL A 27 -2.33 22.22 -27.82
CA VAL A 27 -2.44 23.52 -27.17
C VAL A 27 -3.15 23.32 -25.85
N VAL A 28 -2.60 23.92 -24.79
CA VAL A 28 -3.21 23.86 -23.46
C VAL A 28 -2.98 25.21 -22.80
N ASN A 29 -4.04 25.78 -22.23
CA ASN A 29 -3.94 27.07 -21.57
C ASN A 29 -3.84 26.85 -20.06
N VAL A 30 -3.34 27.87 -19.38
CA VAL A 30 -3.35 27.85 -17.92
C VAL A 30 -4.79 27.69 -17.47
N GLY A 31 -5.05 26.77 -16.54
CA GLY A 31 -6.40 26.51 -16.10
C GLY A 31 -7.06 25.36 -16.85
N GLN A 32 -6.34 24.75 -17.79
CA GLN A 32 -6.88 23.65 -18.56
C GLN A 32 -6.15 22.38 -18.20
N ASN A 33 -6.79 21.25 -18.40
CA ASN A 33 -6.18 19.98 -18.08
C ASN A 33 -5.66 19.25 -19.30
N LEU A 34 -4.41 18.83 -19.28
CA LEU A 34 -3.84 18.03 -20.34
C LEU A 34 -4.10 16.60 -19.87
N VAL A 35 -4.88 15.83 -20.63
CA VAL A 35 -5.24 14.47 -20.26
C VAL A 35 -4.34 13.52 -21.02
N VAL A 36 -3.68 12.63 -20.29
CA VAL A 36 -2.91 11.54 -20.87
C VAL A 36 -3.64 10.25 -20.47
N ASP A 37 -4.45 9.73 -21.39
CA ASP A 37 -5.28 8.56 -21.12
C ASP A 37 -4.53 7.34 -21.62
N LEU A 38 -3.96 6.58 -20.69
CA LEU A 38 -3.23 5.37 -21.02
C LEU A 38 -4.12 4.14 -21.07
N SER A 39 -5.37 4.26 -20.63
CA SER A 39 -6.32 3.15 -20.73
C SER A 39 -6.61 2.78 -22.17
N THR A 40 -6.30 3.64 -23.13
CA THR A 40 -6.44 3.30 -24.55
C THR A 40 -5.14 2.80 -25.15
N GLN A 41 -4.05 2.80 -24.39
CA GLN A 41 -2.74 2.44 -24.91
C GLN A 41 -2.16 1.18 -24.28
N ILE A 42 -2.57 0.82 -23.07
CA ILE A 42 -1.99 -0.29 -22.32
C ILE A 42 -3.10 -1.27 -21.97
N PHE A 43 -2.89 -2.54 -22.29
CA PHE A 43 -3.87 -3.59 -22.04
C PHE A 43 -3.15 -4.81 -21.45
N CYS A 44 -3.85 -5.52 -20.58
CA CYS A 44 -3.29 -6.67 -19.88
C CYS A 44 -4.33 -7.78 -19.81
N HIS A 45 -3.88 -8.98 -19.47
CA HIS A 45 -4.79 -10.12 -19.36
C HIS A 45 -4.24 -11.13 -18.37
N ASN A 46 -5.15 -11.96 -17.86
CA ASN A 46 -4.82 -13.06 -16.96
C ASN A 46 -4.65 -14.31 -17.79
N ASP A 47 -3.49 -14.96 -17.68
CA ASP A 47 -3.20 -16.13 -18.50
C ASP A 47 -3.90 -17.39 -18.01
N TYR A 48 -4.26 -17.47 -16.73
CA TYR A 48 -4.87 -18.68 -16.17
C TYR A 48 -6.00 -18.30 -15.23
N PRO A 49 -7.07 -17.71 -15.76
CA PRO A 49 -8.16 -17.23 -14.88
C PRO A 49 -9.01 -18.35 -14.28
N GLU A 50 -8.99 -19.55 -14.85
CA GLU A 50 -9.79 -20.62 -14.29
C GLU A 50 -9.38 -20.95 -12.86
N THR A 51 -8.08 -20.86 -12.56
CA THR A 51 -7.60 -21.15 -11.21
C THR A 51 -6.92 -19.99 -10.51
N ILE A 52 -6.40 -19.00 -11.23
CA ILE A 52 -5.60 -17.94 -10.63
C ILE A 52 -6.28 -16.59 -10.84
N THR A 53 -6.19 -15.73 -9.84
CA THR A 53 -6.64 -14.35 -9.92
C THR A 53 -5.44 -13.42 -9.82
N ASP A 54 -5.27 -12.54 -10.79
CA ASP A 54 -4.15 -11.61 -10.84
C ASP A 54 -4.56 -10.26 -10.27
N TYR A 55 -3.64 -9.63 -9.53
CA TYR A 55 -3.88 -8.33 -8.92
C TYR A 55 -2.84 -7.33 -9.42
N VAL A 56 -3.31 -6.12 -9.73
CA VAL A 56 -2.50 -5.12 -10.42
C VAL A 56 -2.66 -3.78 -9.71
N THR A 57 -1.54 -3.18 -9.31
CA THR A 57 -1.51 -1.86 -8.70
C THR A 57 -0.69 -0.92 -9.56
N LEU A 58 -0.81 0.38 -9.26
CA LEU A 58 0.14 1.39 -9.70
C LEU A 58 1.17 1.56 -8.59
N GLN A 59 2.39 1.04 -8.81
CA GLN A 59 3.42 1.08 -7.78
C GLN A 59 4.06 2.45 -7.66
N ARG A 60 4.24 3.15 -8.77
CA ARG A 60 5.01 4.38 -8.77
C ARG A 60 4.71 5.16 -10.04
N GLY A 61 4.51 6.47 -9.88
CA GLY A 61 4.37 7.35 -11.02
C GLY A 61 5.34 8.51 -10.93
N SER A 62 6.27 8.59 -11.87
CA SER A 62 7.30 9.63 -11.87
C SER A 62 7.09 10.57 -13.06
N ALA A 63 7.40 11.84 -12.84
CA ALA A 63 7.28 12.86 -13.88
C ALA A 63 8.65 13.24 -14.39
N TYR A 64 8.73 13.55 -15.68
CA TYR A 64 10.01 13.86 -16.32
C TYR A 64 9.84 14.99 -17.32
N GLY A 65 10.97 15.61 -17.65
CA GLY A 65 10.99 16.59 -18.72
C GLY A 65 10.06 17.75 -18.48
N GLY A 66 9.30 18.10 -19.52
CA GLY A 66 8.42 19.26 -19.44
C GLY A 66 7.26 19.06 -18.48
N VAL A 67 6.80 17.82 -18.33
CA VAL A 67 5.74 17.55 -17.35
C VAL A 67 6.25 17.81 -15.94
N LEU A 68 7.48 17.38 -15.65
CA LEU A 68 8.06 17.62 -14.33
C LEU A 68 8.23 19.12 -14.09
N SER A 69 8.66 19.86 -15.11
CA SER A 69 9.04 21.25 -14.93
C SER A 69 7.88 22.22 -15.08
N ASN A 70 6.93 21.93 -15.97
CA ASN A 70 5.92 22.91 -16.35
C ASN A 70 4.50 22.52 -15.92
N PHE A 71 4.35 21.39 -15.26
CA PHE A 71 3.05 20.94 -14.92
C PHE A 71 2.98 20.42 -13.51
N SER A 72 1.79 20.50 -12.96
CA SER A 72 1.41 19.96 -11.68
C SER A 72 0.19 19.14 -12.07
N GLY A 73 -0.16 17.97 -11.45
CA GLY A 73 -1.29 17.15 -11.82
C GLY A 73 -1.55 16.02 -10.86
N THR A 74 -2.59 15.27 -11.19
CA THR A 74 -3.01 14.07 -10.47
C THR A 74 -3.06 12.89 -11.44
N VAL A 75 -3.15 11.70 -10.86
CA VAL A 75 -3.34 10.48 -11.63
C VAL A 75 -4.67 9.87 -11.24
N LYS A 76 -5.41 9.38 -12.23
CA LYS A 76 -6.68 8.70 -12.03
C LYS A 76 -6.43 7.21 -12.23
N TYR A 77 -6.58 6.41 -11.17
CA TYR A 77 -6.37 4.97 -11.24
C TYR A 77 -7.65 4.26 -10.85
N SER A 78 -8.22 3.51 -11.80
CA SER A 78 -9.43 2.74 -11.57
C SER A 78 -10.52 3.61 -10.94
N GLY A 79 -10.70 4.80 -11.49
CA GLY A 79 -11.79 5.67 -11.11
C GLY A 79 -11.58 6.53 -9.88
N SER A 80 -10.35 6.62 -9.37
CA SER A 80 -10.06 7.44 -8.20
C SER A 80 -8.79 8.24 -8.42
N SER A 81 -8.74 9.42 -7.83
CA SER A 81 -7.61 10.33 -7.99
C SER A 81 -6.55 10.07 -6.93
N TYR A 82 -5.30 10.09 -7.34
CA TYR A 82 -4.15 9.97 -6.48
C TYR A 82 -3.14 11.03 -6.85
N PRO A 83 -2.26 11.42 -5.92
CA PRO A 83 -1.23 12.42 -6.26
C PRO A 83 -0.35 11.95 -7.40
N PHE A 84 0.10 12.91 -8.20
CA PHE A 84 1.07 12.65 -9.25
C PHE A 84 2.18 13.70 -9.09
N PRO A 85 3.44 13.29 -8.91
CA PRO A 85 3.95 11.92 -8.85
C PRO A 85 3.32 11.05 -7.76
N THR A 86 3.10 9.77 -8.05
CA THR A 86 2.49 8.86 -7.10
C THR A 86 3.61 8.25 -6.26
N THR A 87 3.61 8.54 -4.97
CA THR A 87 4.69 8.15 -4.08
C THR A 87 4.39 6.92 -3.23
N SER A 88 3.29 6.22 -3.49
CA SER A 88 2.98 5.00 -2.77
C SER A 88 2.09 4.12 -3.63
N GLU A 89 2.17 2.81 -3.39
CA GLU A 89 1.43 1.85 -4.19
C GLU A 89 -0.07 2.01 -3.98
N THR A 90 -0.81 2.06 -5.08
CA THR A 90 -2.24 2.26 -5.07
C THR A 90 -2.96 0.97 -4.68
N PRO A 91 -4.28 1.04 -4.48
CA PRO A 91 -5.08 -0.19 -4.37
C PRO A 91 -4.97 -1.02 -5.63
N ARG A 92 -5.51 -2.24 -5.54
CA ARG A 92 -5.33 -3.27 -6.55
C ARG A 92 -6.49 -3.29 -7.53
N VAL A 93 -6.15 -3.60 -8.79
CA VAL A 93 -7.15 -3.87 -9.82
C VAL A 93 -7.09 -5.36 -10.14
N VAL A 94 -8.26 -5.96 -10.25
CA VAL A 94 -8.38 -7.40 -10.47
C VAL A 94 -8.42 -7.67 -11.97
N TYR A 95 -7.59 -8.61 -12.41
CA TYR A 95 -7.61 -9.12 -13.78
C TYR A 95 -7.97 -10.59 -13.70
N ASN A 96 -9.18 -10.94 -14.13
CA ASN A 96 -9.71 -12.28 -13.96
C ASN A 96 -10.20 -12.85 -15.29
N SER A 97 -9.65 -12.38 -16.40
CA SER A 97 -10.09 -12.82 -17.71
C SER A 97 -8.89 -12.90 -18.64
N ARG A 98 -8.98 -13.83 -19.60
CA ARG A 98 -7.96 -13.97 -20.62
C ARG A 98 -8.08 -12.92 -21.73
N THR A 99 -9.25 -12.32 -21.93
CA THR A 99 -9.39 -11.25 -22.90
C THR A 99 -8.74 -9.98 -22.36
N ASP A 100 -8.09 -9.23 -23.25
CA ASP A 100 -7.32 -8.06 -22.86
C ASP A 100 -8.22 -7.01 -22.21
N LYS A 101 -7.80 -6.52 -21.05
CA LYS A 101 -8.49 -5.48 -20.31
C LYS A 101 -7.58 -4.28 -20.15
N PRO A 102 -8.08 -3.06 -20.34
CA PRO A 102 -7.22 -1.88 -20.22
C PRO A 102 -6.65 -1.74 -18.82
N TRP A 103 -5.44 -1.16 -18.75
CA TRP A 103 -4.88 -0.68 -17.48
C TRP A 103 -5.44 0.71 -17.22
N PRO A 104 -6.34 0.86 -16.22
CA PRO A 104 -7.10 2.13 -16.08
C PRO A 104 -6.29 3.24 -15.42
N VAL A 105 -5.33 3.78 -16.16
CA VAL A 105 -4.50 4.89 -15.69
C VAL A 105 -4.72 6.07 -16.62
N ALA A 106 -4.78 7.27 -16.04
CA ALA A 106 -4.89 8.49 -16.83
C ALA A 106 -4.32 9.64 -16.02
N LEU A 107 -3.45 10.43 -16.66
CA LEU A 107 -2.88 11.60 -16.02
C LEU A 107 -3.70 12.84 -16.35
N TYR A 108 -3.91 13.68 -15.34
CA TYR A 108 -4.60 14.96 -15.49
C TYR A 108 -3.62 16.04 -15.06
N LEU A 109 -2.96 16.69 -16.03
CA LEU A 109 -1.98 17.72 -15.74
C LEU A 109 -2.45 19.11 -16.11
N THR A 110 -2.09 20.12 -15.33
CA THR A 110 -2.49 21.46 -15.67
C THR A 110 -1.22 22.30 -15.73
N PRO A 111 -1.12 23.21 -16.70
CA PRO A 111 0.13 23.99 -16.69
C PRO A 111 0.26 24.90 -15.48
N VAL A 112 1.49 25.14 -15.02
CA VAL A 112 1.73 26.04 -13.91
C VAL A 112 1.62 27.49 -14.38
N SER A 113 1.50 28.40 -13.42
CA SER A 113 1.30 29.81 -13.74
C SER A 113 2.41 30.34 -14.65
N SER A 114 3.66 29.98 -14.36
CA SER A 114 4.80 30.48 -15.11
C SER A 114 4.98 29.79 -16.46
N ALA A 115 4.20 28.73 -16.74
CA ALA A 115 4.36 28.03 -18.00
C ALA A 115 4.05 28.96 -19.18
N GLY A 116 4.59 28.59 -20.34
CA GLY A 116 4.45 29.38 -21.55
C GLY A 116 5.40 28.89 -22.61
N GLY A 117 4.95 28.86 -23.85
CA GLY A 117 5.74 28.29 -24.93
C GLY A 117 5.59 26.78 -25.01
N VAL A 118 6.65 26.12 -25.48
CA VAL A 118 6.67 24.66 -25.62
C VAL A 118 6.84 24.07 -24.22
N ALA A 119 5.74 23.68 -23.59
CA ALA A 119 5.80 23.10 -22.25
C ALA A 119 6.18 21.63 -22.29
N ILE A 120 5.90 20.95 -23.41
CA ILE A 120 6.29 19.55 -23.61
C ILE A 120 6.91 19.45 -25.00
N LYS A 121 8.11 18.87 -25.07
CA LYS A 121 8.81 18.73 -26.34
C LYS A 121 8.52 17.37 -26.95
N ALA A 122 8.27 17.36 -28.26
CA ALA A 122 8.00 16.12 -28.96
C ALA A 122 9.15 15.14 -28.79
N GLY A 123 8.80 13.87 -28.57
CA GLY A 123 9.79 12.83 -28.43
C GLY A 123 10.45 12.74 -27.07
N SER A 124 10.08 13.60 -26.13
CA SER A 124 10.71 13.62 -24.83
C SER A 124 9.98 12.69 -23.86
N LEU A 125 10.71 12.24 -22.85
CA LEU A 125 10.12 11.44 -21.77
C LEU A 125 9.32 12.36 -20.85
N ILE A 126 8.07 11.99 -20.58
CA ILE A 126 7.22 12.77 -19.70
C ILE A 126 6.85 12.01 -18.43
N ALA A 127 6.86 10.68 -18.44
CA ALA A 127 6.46 9.94 -17.25
C ALA A 127 6.93 8.50 -17.33
N VAL A 128 7.13 7.91 -16.17
CA VAL A 128 7.36 6.47 -16.03
C VAL A 128 6.33 5.94 -15.05
N LEU A 129 5.53 4.98 -15.51
CA LEU A 129 4.47 4.37 -14.70
C LEU A 129 4.82 2.90 -14.52
N ILE A 130 4.93 2.48 -13.26
CA ILE A 130 5.33 1.11 -12.94
C ILE A 130 4.08 0.34 -12.53
N LEU A 131 3.79 -0.72 -13.27
CA LEU A 131 2.68 -1.62 -12.99
C LEU A 131 3.21 -2.83 -12.22
N ARG A 132 2.74 -3.00 -10.99
CA ARG A 132 3.13 -4.12 -10.15
C ARG A 132 2.02 -5.18 -10.18
N GLN A 133 2.40 -6.42 -10.51
CA GLN A 133 1.46 -7.51 -10.65
C GLN A 133 1.76 -8.65 -9.68
N THR A 134 0.73 -9.10 -8.97
CA THR A 134 0.83 -10.28 -8.10
C THR A 134 -0.36 -11.21 -8.38
N ASN A 135 -0.55 -12.22 -7.54
CA ASN A 135 -1.68 -13.12 -7.70
C ASN A 135 -2.02 -13.74 -6.35
N ASN A 136 -3.04 -14.60 -6.36
CA ASN A 136 -3.45 -15.35 -5.19
C ASN A 136 -2.96 -16.80 -5.21
N TYR A 137 -1.93 -17.08 -6.00
CA TYR A 137 -1.47 -18.45 -6.16
C TYR A 137 -0.06 -18.69 -5.63
N ASN A 138 0.87 -17.78 -5.90
CA ASN A 138 2.25 -17.96 -5.44
C ASN A 138 2.80 -16.58 -5.06
N SER A 139 4.13 -16.49 -4.99
CA SER A 139 4.82 -15.28 -4.58
C SER A 139 5.23 -14.41 -5.75
N ASP A 140 4.59 -14.58 -6.91
CA ASP A 140 4.94 -13.79 -8.08
C ASP A 140 4.80 -12.30 -7.76
N ASP A 141 5.80 -11.53 -8.19
CA ASP A 141 5.87 -10.10 -7.90
C ASP A 141 6.65 -9.47 -9.05
N PHE A 142 5.92 -9.03 -10.07
CA PHE A 142 6.52 -8.59 -11.32
C PHE A 142 6.21 -7.12 -11.58
N GLN A 143 7.20 -6.43 -12.14
CA GLN A 143 7.09 -5.01 -12.45
C GLN A 143 7.03 -4.85 -13.97
N PHE A 144 5.99 -4.17 -14.45
CA PHE A 144 5.86 -3.82 -15.85
C PHE A 144 6.06 -2.31 -15.94
N VAL A 145 7.21 -1.90 -16.47
CA VAL A 145 7.61 -0.50 -16.46
C VAL A 145 7.18 0.14 -17.77
N TRP A 146 6.40 1.22 -17.68
CA TRP A 146 5.88 1.90 -18.85
C TRP A 146 6.52 3.28 -18.95
N ASN A 147 7.32 3.47 -20.00
CA ASN A 147 7.98 4.75 -20.26
C ASN A 147 7.12 5.52 -21.24
N ILE A 148 6.58 6.65 -20.78
CA ILE A 148 5.60 7.42 -21.54
C ILE A 148 6.32 8.53 -22.28
N TYR A 149 6.19 8.56 -23.61
CA TYR A 149 6.84 9.55 -24.45
C TYR A 149 5.77 10.36 -25.19
N ALA A 150 6.04 11.66 -25.34
CA ALA A 150 5.13 12.53 -26.07
C ALA A 150 5.42 12.45 -27.56
N ASN A 151 4.36 12.25 -28.36
CA ASN A 151 4.51 12.21 -29.80
C ASN A 151 4.66 13.58 -30.43
N ASN A 152 4.25 14.64 -29.73
CA ASN A 152 4.19 15.96 -30.33
C ASN A 152 4.44 17.02 -29.27
N ASP A 153 4.70 18.23 -29.73
CA ASP A 153 4.87 19.35 -28.81
C ASP A 153 3.53 19.69 -28.16
N VAL A 154 3.61 20.23 -26.95
CA VAL A 154 2.46 20.79 -26.27
C VAL A 154 2.83 22.22 -25.95
N VAL A 155 2.07 23.17 -26.49
CA VAL A 155 2.37 24.58 -26.37
C VAL A 155 1.37 25.23 -25.42
N VAL A 156 1.88 26.13 -24.59
CA VAL A 156 1.07 26.94 -23.69
C VAL A 156 1.10 28.36 -24.25
N PRO A 157 -0.02 28.92 -24.72
CA PRO A 157 0.03 30.27 -25.27
C PRO A 157 0.41 31.28 -24.20
N THR A 158 0.95 32.41 -24.65
CA THR A 158 1.39 33.44 -23.72
C THR A 158 0.74 34.79 -24.01
N PHE B 1 16.65 12.71 4.58
CA PHE B 1 16.60 11.29 5.02
C PHE B 1 17.76 10.49 4.43
N ALA B 2 18.52 9.82 5.29
CA ALA B 2 19.63 9.00 4.86
C ALA B 2 19.80 7.85 5.82
N CYS B 3 20.47 6.81 5.35
CA CYS B 3 20.63 5.57 6.10
C CYS B 3 22.07 5.10 6.06
N LYS B 4 22.44 4.33 7.08
CA LYS B 4 23.78 3.78 7.21
C LYS B 4 23.69 2.34 7.68
N THR B 5 24.73 1.58 7.36
CA THR B 5 24.86 0.20 7.81
C THR B 5 25.72 0.17 9.07
N ALA B 6 25.64 -0.95 9.80
CA ALA B 6 26.39 -1.07 11.03
C ALA B 6 27.89 -0.86 10.81
N ASN B 7 28.42 -1.37 9.69
CA ASN B 7 29.85 -1.22 9.42
C ASN B 7 30.20 0.21 9.03
N GLY B 8 29.28 0.94 8.40
CA GLY B 8 29.50 2.33 8.07
C GLY B 8 29.09 2.73 6.68
N THR B 9 28.73 1.76 5.85
CA THR B 9 28.29 2.08 4.49
C THR B 9 27.03 2.93 4.54
N ALA B 10 27.03 4.03 3.79
CA ALA B 10 25.95 4.99 3.82
C ALA B 10 25.26 5.07 2.46
N ILE B 11 23.96 5.29 2.50
CA ILE B 11 23.17 5.66 1.32
C ILE B 11 22.66 7.07 1.57
N PRO B 12 23.04 8.06 0.76
CA PRO B 12 22.74 9.45 1.08
C PRO B 12 21.30 9.83 0.71
N ILE B 13 21.00 11.12 0.90
CA ILE B 13 19.74 11.67 0.46
C ILE B 13 19.55 11.35 -1.01
N GLY B 14 18.32 10.96 -1.36
CA GLY B 14 17.99 10.59 -2.72
C GLY B 14 17.97 9.11 -2.99
N GLY B 15 18.44 8.29 -2.06
CA GLY B 15 18.41 6.85 -2.22
C GLY B 15 19.68 6.30 -2.83
N GLY B 16 19.62 5.02 -3.12
CA GLY B 16 20.77 4.28 -3.63
C GLY B 16 20.68 2.83 -3.21
N SER B 17 21.83 2.16 -3.28
CA SER B 17 21.91 0.75 -2.89
C SER B 17 23.16 0.53 -2.05
N ALA B 18 23.09 -0.50 -1.21
CA ALA B 18 24.21 -0.87 -0.34
C ALA B 18 24.13 -2.36 -0.05
N ASN B 19 25.29 -2.93 0.26
CA ASN B 19 25.41 -4.34 0.59
C ASN B 19 25.51 -4.51 2.10
N VAL B 20 24.77 -5.49 2.63
CA VAL B 20 24.73 -5.80 4.05
C VAL B 20 25.16 -7.24 4.24
N TYR B 21 26.27 -7.43 4.95
CA TYR B 21 26.79 -8.77 5.27
C TYR B 21 26.41 -9.09 6.70
N VAL B 22 25.66 -10.18 6.88
CA VAL B 22 25.05 -10.51 8.17
C VAL B 22 25.57 -11.87 8.63
N ASN B 23 25.83 -11.98 9.92
CA ASN B 23 26.11 -13.27 10.54
C ASN B 23 24.82 -14.07 10.69
N LEU B 24 24.92 -15.37 10.47
CA LEU B 24 23.77 -16.26 10.53
C LEU B 24 24.06 -17.44 11.44
N ALA B 25 23.01 -17.95 12.07
CA ALA B 25 23.11 -19.19 12.83
C ALA B 25 23.80 -20.25 11.97
N PRO B 26 24.94 -20.80 12.41
CA PRO B 26 25.66 -21.75 11.55
C PRO B 26 25.00 -23.11 11.44
N VAL B 27 24.03 -23.41 12.30
CA VAL B 27 23.30 -24.68 12.24
C VAL B 27 21.83 -24.37 12.50
N VAL B 28 20.96 -24.95 11.68
CA VAL B 28 19.52 -24.80 11.84
C VAL B 28 18.87 -26.12 11.48
N ASN B 29 17.98 -26.60 12.32
CA ASN B 29 17.29 -27.86 12.08
C ASN B 29 15.91 -27.58 11.51
N VAL B 30 15.35 -28.60 10.86
CA VAL B 30 13.95 -28.52 10.44
C VAL B 30 13.11 -28.25 11.67
N GLY B 31 12.18 -27.31 11.55
CA GLY B 31 11.38 -26.89 12.69
C GLY B 31 11.93 -25.69 13.44
N GLN B 32 13.16 -25.29 13.18
CA GLN B 32 13.77 -24.14 13.83
C GLN B 32 13.66 -22.92 12.93
N ASN B 33 13.73 -21.75 13.56
CA ASN B 33 13.70 -20.48 12.83
C ASN B 33 15.10 -19.91 12.73
N LEU B 34 15.52 -19.60 11.52
CA LEU B 34 16.70 -18.78 11.28
C LEU B 34 16.27 -17.31 11.26
N VAL B 35 16.82 -16.51 12.16
CA VAL B 35 16.43 -15.11 12.31
C VAL B 35 17.49 -14.26 11.62
N VAL B 36 17.05 -13.40 10.70
CA VAL B 36 17.91 -12.41 10.09
C VAL B 36 17.40 -11.05 10.55
N ASP B 37 18.04 -10.50 11.58
CA ASP B 37 17.59 -9.27 12.22
C ASP B 37 18.38 -8.12 11.63
N LEU B 38 17.74 -7.35 10.75
CA LEU B 38 18.41 -6.22 10.13
C LEU B 38 18.31 -4.95 10.98
N SER B 39 17.49 -4.97 12.04
CA SER B 39 17.37 -3.81 12.92
C SER B 39 18.67 -3.47 13.62
N THR B 40 19.62 -4.40 13.69
CA THR B 40 20.93 -4.12 14.25
C THR B 40 21.95 -3.74 13.18
N GLN B 41 21.57 -3.79 11.90
CA GLN B 41 22.49 -3.56 10.80
C GLN B 41 22.17 -2.31 9.99
N ILE B 42 20.92 -1.86 9.99
CA ILE B 42 20.46 -0.77 9.14
C ILE B 42 19.82 0.29 10.03
N PHE B 43 20.27 1.54 9.87
CA PHE B 43 19.78 2.67 10.64
C PHE B 43 19.53 3.84 9.72
N CYS B 44 18.52 4.65 10.07
CA CYS B 44 18.12 5.79 9.28
C CYS B 44 17.80 6.95 10.20
N HIS B 45 17.72 8.15 9.61
CA HIS B 45 17.41 9.34 10.38
C HIS B 45 16.72 10.37 9.50
N ASN B 46 16.01 11.28 10.15
CA ASN B 46 15.34 12.40 9.49
C ASN B 46 16.27 13.61 9.56
N ASP B 47 16.59 14.18 8.40
CA ASP B 47 17.53 15.29 8.34
C ASP B 47 16.94 16.61 8.80
N TYR B 48 15.61 16.77 8.72
CA TYR B 48 14.95 18.03 9.05
C TYR B 48 13.67 17.74 9.82
N PRO B 49 13.78 17.19 11.03
CA PRO B 49 12.57 16.81 11.78
C PRO B 49 11.80 17.99 12.34
N GLU B 50 12.42 19.17 12.45
CA GLU B 50 11.71 20.32 12.99
C GLU B 50 10.49 20.67 12.14
N THR B 51 10.61 20.50 10.82
CA THR B 51 9.50 20.80 9.92
C THR B 51 9.02 19.61 9.10
N ILE B 52 9.86 18.58 8.91
CA ILE B 52 9.53 17.47 8.01
C ILE B 52 9.42 16.19 8.81
N THR B 53 8.42 15.38 8.46
CA THR B 53 8.25 14.03 8.99
C THR B 53 8.42 13.05 7.84
N ASP B 54 9.32 12.09 8.02
CA ASP B 54 9.65 11.11 7.00
C ASP B 54 8.86 9.81 7.25
N TYR B 55 8.42 9.19 6.18
CA TYR B 55 7.67 7.93 6.22
C TYR B 55 8.43 6.87 5.45
N VAL B 56 8.50 5.68 6.02
CA VAL B 56 9.37 4.61 5.55
C VAL B 56 8.57 3.33 5.49
N THR B 57 8.54 2.70 4.32
CA THR B 57 7.89 1.41 4.13
C THR B 57 8.90 0.37 3.68
N LEU B 58 8.48 -0.89 3.75
CA LEU B 58 9.14 -1.98 3.04
C LEU B 58 8.42 -2.17 1.71
N GLN B 59 9.06 -1.74 0.62
CA GLN B 59 8.42 -1.80 -0.68
C GLN B 59 8.40 -3.23 -1.24
N ARG B 60 9.45 -3.99 -0.98
CA ARG B 60 9.61 -5.29 -1.62
C ARG B 60 10.65 -6.09 -0.86
N GLY B 61 10.35 -7.37 -0.64
CA GLY B 61 11.31 -8.29 -0.08
C GLY B 61 11.45 -9.49 -0.99
N SER B 62 12.64 -9.66 -1.58
CA SER B 62 12.89 -10.76 -2.49
C SER B 62 13.89 -11.74 -1.88
N ALA B 63 13.70 -13.02 -2.20
CA ALA B 63 14.57 -14.07 -1.71
C ALA B 63 15.46 -14.55 -2.84
N TYR B 64 16.69 -14.94 -2.49
CA TYR B 64 17.67 -15.35 -3.47
C TYR B 64 18.50 -16.50 -2.92
N GLY B 65 19.15 -17.22 -3.83
CA GLY B 65 20.11 -18.24 -3.44
C GLY B 65 19.50 -19.31 -2.57
N GLY B 66 20.21 -19.64 -1.48
CA GLY B 66 19.78 -20.73 -0.63
C GLY B 66 18.50 -20.45 0.13
N VAL B 67 18.25 -19.18 0.47
CA VAL B 67 17.01 -18.83 1.14
C VAL B 67 15.82 -19.08 0.21
N LEU B 68 15.96 -18.70 -1.06
CA LEU B 68 14.86 -18.91 -2.02
C LEU B 68 14.57 -20.39 -2.21
N SER B 69 15.61 -21.21 -2.28
CA SER B 69 15.44 -22.62 -2.62
C SER B 69 15.20 -23.51 -1.41
N ASN B 70 15.79 -23.18 -0.25
CA ASN B 70 15.81 -24.09 0.88
C ASN B 70 15.02 -23.61 2.09
N PHE B 71 14.41 -22.43 2.04
CA PHE B 71 13.77 -21.86 3.22
C PHE B 71 12.39 -21.31 2.89
N SER B 72 11.52 -21.38 3.90
CA SER B 72 10.22 -20.72 3.91
C SER B 72 10.18 -19.81 5.12
N GLY B 73 9.57 -18.64 4.98
CA GLY B 73 9.60 -17.71 6.09
C GLY B 73 8.64 -16.55 5.94
N THR B 74 8.66 -15.69 6.95
CA THR B 74 7.92 -14.45 6.99
C THR B 74 8.88 -13.30 7.25
N VAL B 75 8.39 -12.08 7.08
CA VAL B 75 9.15 -10.89 7.43
C VAL B 75 8.38 -10.16 8.52
N LYS B 76 9.11 -9.66 9.51
CA LYS B 76 8.57 -8.87 10.61
C LYS B 76 8.96 -7.41 10.39
N TYR B 77 7.97 -6.55 10.16
CA TYR B 77 8.22 -5.13 9.95
C TYR B 77 7.48 -4.33 11.00
N SER B 78 8.23 -3.60 11.82
CA SER B 78 7.67 -2.74 12.87
C SER B 78 6.68 -3.52 13.73
N GLY B 79 7.07 -4.72 14.14
CA GLY B 79 6.30 -5.50 15.09
C GLY B 79 5.13 -6.27 14.52
N SER B 80 5.05 -6.40 13.20
CA SER B 80 3.95 -7.11 12.56
C SER B 80 4.50 -8.03 11.48
N SER B 81 3.83 -9.15 11.29
CA SER B 81 4.28 -10.17 10.35
C SER B 81 3.66 -9.92 8.97
N TYR B 82 4.48 -10.10 7.95
CA TYR B 82 4.06 -10.03 6.55
C TYR B 82 4.66 -11.20 5.79
N PRO B 83 4.04 -11.60 4.68
CA PRO B 83 4.62 -12.69 3.89
C PRO B 83 6.01 -12.35 3.40
N PHE B 84 6.85 -13.36 3.28
CA PHE B 84 8.17 -13.23 2.66
C PHE B 84 8.29 -14.35 1.63
N PRO B 85 8.57 -14.03 0.36
CA PRO B 85 8.78 -12.69 -0.21
C PRO B 85 7.62 -11.72 -0.01
N THR B 86 7.93 -10.44 0.22
CA THR B 86 6.90 -9.44 0.46
C THR B 86 6.49 -8.87 -0.90
N THR B 87 5.25 -9.09 -1.28
CA THR B 87 4.74 -8.73 -2.60
C THR B 87 3.92 -7.44 -2.60
N SER B 88 3.92 -6.69 -1.50
CA SER B 88 3.20 -5.43 -1.46
C SER B 88 3.89 -4.51 -0.48
N GLU B 89 3.76 -3.22 -0.72
CA GLU B 89 4.34 -2.21 0.14
C GLU B 89 3.65 -2.25 1.50
N THR B 90 4.45 -2.30 2.56
CA THR B 90 3.94 -2.39 3.91
C THR B 90 3.42 -1.04 4.38
N PRO B 91 2.76 -1.00 5.54
CA PRO B 91 2.48 0.28 6.18
C PRO B 91 3.77 1.02 6.51
N ARG B 92 3.60 2.27 6.93
CA ARG B 92 4.71 3.19 7.11
C ARG B 92 5.24 3.23 8.53
N VAL B 93 6.55 3.43 8.64
CA VAL B 93 7.23 3.72 9.90
C VAL B 93 7.68 5.17 9.85
N VAL B 94 7.47 5.88 10.95
CA VAL B 94 7.78 7.30 11.02
C VAL B 94 9.21 7.49 11.52
N TYR B 95 9.95 8.34 10.81
CA TYR B 95 11.27 8.79 11.25
C TYR B 95 11.18 10.30 11.47
N ASN B 96 11.24 10.70 12.74
CA ASN B 96 11.02 12.09 13.13
C ASN B 96 12.15 12.61 14.01
N SER B 97 13.34 12.04 13.87
CA SER B 97 14.47 12.44 14.69
C SER B 97 15.75 12.42 13.86
N ARG B 98 16.66 13.31 14.21
CA ARG B 98 17.98 13.31 13.60
C ARG B 98 18.85 12.19 14.14
N THR B 99 18.50 11.63 15.30
CA THR B 99 19.23 10.51 15.85
C THR B 99 18.95 9.25 15.05
N ASP B 100 19.99 8.46 14.81
CA ASP B 100 19.84 7.26 13.98
C ASP B 100 18.88 6.29 14.65
N LYS B 101 17.89 5.84 13.89
CA LYS B 101 16.90 4.89 14.37
C LYS B 101 16.94 3.63 13.50
N PRO B 102 16.85 2.45 14.11
CA PRO B 102 16.90 1.22 13.30
C PRO B 102 15.76 1.14 12.30
N TRP B 103 16.04 0.48 11.18
CA TRP B 103 14.99 0.03 10.26
C TRP B 103 14.47 -1.30 10.77
N PRO B 104 13.25 -1.36 11.34
CA PRO B 104 12.81 -2.56 12.07
C PRO B 104 12.34 -3.70 11.16
N VAL B 105 13.30 -4.33 10.49
CA VAL B 105 13.03 -5.46 9.60
C VAL B 105 13.75 -6.68 10.17
N ALA B 106 13.08 -7.84 10.13
CA ALA B 106 13.70 -9.08 10.56
C ALA B 106 13.04 -10.23 9.82
N LEU B 107 13.85 -11.11 9.25
CA LEU B 107 13.37 -12.29 8.55
C LEU B 107 13.31 -13.47 9.50
N TYR B 108 12.25 -14.26 9.40
CA TYR B 108 12.08 -15.48 10.19
C TYR B 108 11.93 -16.63 9.21
N LEU B 109 13.03 -17.37 9.01
CA LEU B 109 13.13 -18.39 7.99
C LEU B 109 13.28 -19.77 8.62
N THR B 110 12.50 -20.74 8.14
CA THR B 110 12.65 -22.11 8.58
C THR B 110 13.04 -23.00 7.39
N PRO B 111 13.91 -23.99 7.59
CA PRO B 111 14.28 -24.85 6.48
C PRO B 111 13.10 -25.71 6.04
N VAL B 112 13.04 -25.97 4.73
CA VAL B 112 12.02 -26.87 4.21
C VAL B 112 12.38 -28.30 4.55
N SER B 113 11.38 -29.18 4.45
CA SER B 113 11.59 -30.58 4.82
C SER B 113 12.74 -31.21 4.05
N SER B 114 12.81 -30.97 2.75
CA SER B 114 13.83 -31.58 1.91
C SER B 114 15.20 -30.93 2.06
N ALA B 115 15.30 -29.82 2.79
CA ALA B 115 16.58 -29.16 2.97
C ALA B 115 17.55 -30.09 3.70
N GLY B 116 18.84 -29.80 3.54
CA GLY B 116 19.90 -30.60 4.10
C GLY B 116 21.25 -30.22 3.56
N GLY B 117 22.27 -30.24 4.42
CA GLY B 117 23.59 -29.78 4.00
C GLY B 117 23.72 -28.28 4.16
N VAL B 118 24.55 -27.68 3.31
CA VAL B 118 24.78 -26.23 3.29
C VAL B 118 23.56 -25.59 2.62
N ALA B 119 22.61 -25.12 3.43
CA ALA B 119 21.40 -24.52 2.87
C ALA B 119 21.64 -23.09 2.41
N ILE B 120 22.62 -22.40 3.00
CA ILE B 120 23.02 -21.06 2.58
C ILE B 120 24.54 -21.03 2.52
N LYS B 121 25.10 -20.59 1.39
CA LYS B 121 26.55 -20.52 1.25
C LYS B 121 27.07 -19.16 1.70
N ALA B 122 28.21 -19.18 2.38
CA ALA B 122 28.83 -17.94 2.84
C ALA B 122 29.10 -17.02 1.67
N GLY B 123 28.81 -15.73 1.88
CA GLY B 123 29.05 -14.72 0.87
C GLY B 123 28.00 -14.64 -0.21
N SER B 124 26.97 -15.46 -0.18
CA SER B 124 25.97 -15.47 -1.24
C SER B 124 24.85 -14.49 -0.92
N LEU B 125 24.19 -14.01 -1.96
CA LEU B 125 23.02 -13.16 -1.78
C LEU B 125 21.85 -13.99 -1.30
N ILE B 126 21.21 -13.55 -0.21
CA ILE B 126 20.06 -14.24 0.35
C ILE B 126 18.79 -13.42 0.24
N ALA B 127 18.88 -12.10 0.14
CA ALA B 127 17.67 -11.29 0.11
C ALA B 127 18.00 -9.90 -0.43
N VAL B 128 17.00 -9.28 -1.04
CA VAL B 128 17.03 -7.87 -1.41
C VAL B 128 15.81 -7.20 -0.78
N LEU B 129 16.07 -6.21 0.07
CA LEU B 129 15.01 -5.50 0.78
C LEU B 129 15.03 -4.05 0.34
N ILE B 130 13.91 -3.57 -0.20
CA ILE B 130 13.82 -2.21 -0.75
C ILE B 130 13.08 -1.34 0.25
N LEU B 131 13.77 -0.30 0.74
CA LEU B 131 13.21 0.68 1.65
C LEU B 131 12.76 1.90 0.84
N ARG B 132 11.46 2.18 0.87
CA ARG B 132 10.90 3.34 0.17
C ARG B 132 10.63 4.45 1.17
N GLN B 133 11.16 5.65 0.89
CA GLN B 133 11.06 6.79 1.78
C GLN B 133 10.33 7.95 1.11
N THR B 134 9.35 8.51 1.83
CA THR B 134 8.65 9.71 1.39
C THR B 134 8.60 10.70 2.56
N ASN B 135 7.79 11.75 2.43
CA ASN B 135 7.63 12.71 3.51
C ASN B 135 6.27 13.38 3.36
N ASN B 136 5.98 14.28 4.31
CA ASN B 136 4.77 15.09 4.28
C ASN B 136 5.05 16.50 3.78
N TYR B 137 6.16 16.69 3.07
CA TYR B 137 6.58 18.02 2.65
C TYR B 137 6.58 18.21 1.15
N ASN B 138 7.08 17.25 0.38
CA ASN B 138 7.14 17.38 -1.07
C ASN B 138 6.85 16.02 -1.69
N SER B 139 7.20 15.88 -2.97
CA SER B 139 6.93 14.66 -3.73
C SER B 139 8.11 13.70 -3.74
N ASP B 140 9.02 13.85 -2.78
CA ASP B 140 10.18 12.96 -2.73
C ASP B 140 9.74 11.52 -2.60
N ASP B 141 10.39 10.65 -3.35
CA ASP B 141 10.04 9.23 -3.43
C ASP B 141 11.34 8.48 -3.75
N PHE B 142 12.04 8.06 -2.70
CA PHE B 142 13.38 7.51 -2.84
C PHE B 142 13.42 6.05 -2.38
N GLN B 143 14.21 5.26 -3.09
CA GLN B 143 14.39 3.84 -2.81
C GLN B 143 15.77 3.61 -2.25
N PHE B 144 15.85 2.97 -1.09
CA PHE B 144 17.10 2.54 -0.48
C PHE B 144 17.16 1.02 -0.59
N VAL B 145 18.03 0.53 -1.47
CA VAL B 145 18.07 -0.89 -1.81
C VAL B 145 19.12 -1.56 -0.93
N TRP B 146 18.70 -2.59 -0.20
CA TRP B 146 19.57 -3.31 0.72
C TRP B 146 19.78 -4.72 0.20
N ASN B 147 21.01 -5.02 -0.20
CA ASN B 147 21.39 -6.33 -0.71
C ASN B 147 22.01 -7.11 0.44
N ILE B 148 21.31 -8.16 0.87
CA ILE B 148 21.67 -8.88 2.08
C ILE B 148 22.50 -10.09 1.69
N TYR B 149 23.71 -10.17 2.25
CA TYR B 149 24.65 -11.25 1.98
C TYR B 149 24.94 -12.00 3.27
N ALA B 150 25.13 -13.31 3.16
CA ALA B 150 25.47 -14.14 4.30
C ALA B 150 26.97 -14.11 4.57
N ASN B 151 27.35 -13.87 5.83
CA ASN B 151 28.76 -13.89 6.20
C ASN B 151 29.31 -15.30 6.34
N ASN B 152 28.45 -16.29 6.52
CA ASN B 152 28.91 -17.64 6.82
C ASN B 152 27.93 -18.64 6.25
N ASP B 153 28.37 -19.90 6.18
CA ASP B 153 27.49 -20.97 5.76
C ASP B 153 26.43 -21.23 6.82
N VAL B 154 25.29 -21.73 6.39
CA VAL B 154 24.24 -22.19 7.28
C VAL B 154 23.96 -23.64 6.89
N VAL B 155 24.20 -24.55 7.83
CA VAL B 155 24.11 -25.98 7.57
C VAL B 155 22.87 -26.54 8.25
N VAL B 156 22.21 -27.45 7.55
CA VAL B 156 21.07 -28.18 8.07
C VAL B 156 21.53 -29.62 8.31
N PRO B 157 21.56 -30.10 9.54
CA PRO B 157 22.01 -31.48 9.77
C PRO B 157 21.08 -32.47 9.09
N THR B 158 21.62 -33.65 8.81
CA THR B 158 20.87 -34.68 8.12
C THR B 158 20.93 -36.00 8.87
N PHE C 1 6.41 -32.52 29.34
CA PHE C 1 6.10 -31.62 28.19
C PHE C 1 5.33 -30.39 28.64
N ALA C 2 5.86 -29.21 28.29
CA ALA C 2 5.22 -27.95 28.64
C ALA C 2 5.55 -26.92 27.58
N CYS C 3 4.75 -25.86 27.54
CA CYS C 3 4.89 -24.82 26.53
C CYS C 3 4.81 -23.44 27.20
N LYS C 4 5.47 -22.46 26.58
CA LYS C 4 5.41 -21.09 27.05
C LYS C 4 5.30 -20.15 25.86
N THR C 5 4.79 -18.94 26.11
CA THR C 5 4.69 -17.93 25.09
C THR C 5 5.91 -17.00 25.14
N ALA C 6 6.11 -16.25 24.06
CA ALA C 6 7.25 -15.34 24.00
C ALA C 6 7.22 -14.34 25.16
N ASN C 7 6.01 -13.90 25.55
CA ASN C 7 5.91 -12.96 26.67
C ASN C 7 6.23 -13.63 28.00
N GLY C 8 5.92 -14.91 28.13
CA GLY C 8 6.29 -15.65 29.33
C GLY C 8 5.20 -16.51 29.91
N THR C 9 3.96 -16.38 29.43
CA THR C 9 2.88 -17.21 29.94
C THR C 9 3.18 -18.66 29.61
N ALA C 10 3.09 -19.53 30.62
CA ALA C 10 3.42 -20.93 30.49
C ALA C 10 2.18 -21.79 30.74
N ILE C 11 2.15 -22.93 30.08
CA ILE C 11 1.11 -23.95 30.29
C ILE C 11 1.75 -25.14 30.99
N PRO C 12 1.23 -25.57 32.15
CA PRO C 12 1.92 -26.62 32.90
C PRO C 12 1.75 -27.98 32.25
N ILE C 13 2.39 -29.00 32.81
CA ILE C 13 2.20 -30.36 32.34
C ILE C 13 0.72 -30.72 32.46
N GLY C 14 0.21 -31.44 31.46
CA GLY C 14 -1.18 -31.83 31.45
C GLY C 14 -2.05 -30.93 30.60
N GLY C 15 -1.52 -29.83 30.11
CA GLY C 15 -2.27 -28.94 29.29
C GLY C 15 -2.93 -27.83 30.08
N GLY C 16 -3.77 -27.08 29.39
CA GLY C 16 -4.42 -25.92 29.94
C GLY C 16 -4.74 -24.95 28.82
N SER C 17 -4.99 -23.70 29.19
CA SER C 17 -5.31 -22.68 28.21
C SER C 17 -4.48 -21.44 28.51
N ALA C 18 -4.20 -20.67 27.47
CA ALA C 18 -3.42 -19.44 27.61
C ALA C 18 -3.83 -18.47 26.53
N ASN C 19 -3.67 -17.19 26.82
CA ASN C 19 -4.01 -16.13 25.89
C ASN C 19 -2.74 -15.62 25.21
N VAL C 20 -2.81 -15.45 23.90
CA VAL C 20 -1.69 -14.96 23.10
C VAL C 20 -2.16 -13.70 22.39
N TYR C 21 -1.53 -12.58 22.69
CA TYR C 21 -1.87 -11.29 22.09
C TYR C 21 -0.84 -10.97 21.02
N VAL C 22 -1.29 -10.80 19.79
CA VAL C 22 -0.43 -10.64 18.63
C VAL C 22 -0.71 -9.31 17.95
N ASN C 23 0.35 -8.64 17.51
CA ASN C 23 0.22 -7.50 16.62
C ASN C 23 -0.12 -7.99 15.22
N LEU C 24 -0.95 -7.24 14.52
CA LEU C 24 -1.39 -7.62 13.19
C LEU C 24 -1.13 -6.48 12.21
N ALA C 25 -0.86 -6.85 10.96
CA ALA C 25 -0.78 -5.88 9.88
C ALA C 25 -2.03 -5.01 9.93
N PRO C 26 -1.89 -3.68 10.03
CA PRO C 26 -3.08 -2.82 10.21
C PRO C 26 -3.94 -2.69 8.96
N VAL C 27 -3.47 -3.13 7.80
CA VAL C 27 -4.27 -3.10 6.58
C VAL C 27 -3.98 -4.37 5.78
N VAL C 28 -5.02 -4.94 5.18
CA VAL C 28 -4.86 -6.08 4.27
C VAL C 28 -5.88 -5.92 3.14
N ASN C 29 -5.43 -6.12 1.91
CA ASN C 29 -6.26 -5.95 0.73
C ASN C 29 -6.75 -7.30 0.20
N VAL C 30 -7.79 -7.23 -0.65
CA VAL C 30 -8.22 -8.41 -1.39
C VAL C 30 -7.06 -8.93 -2.21
N GLY C 31 -6.84 -10.24 -2.16
CA GLY C 31 -5.71 -10.86 -2.80
C GLY C 31 -4.48 -10.99 -1.93
N GLN C 32 -4.45 -10.32 -0.79
CA GLN C 32 -3.34 -10.38 0.14
C GLN C 32 -3.61 -11.33 1.29
N ASN C 33 -2.53 -11.79 1.92
CA ASN C 33 -2.60 -12.63 3.09
C ASN C 33 -2.21 -11.83 4.33
N LEU C 34 -3.06 -11.87 5.34
CA LEU C 34 -2.71 -11.41 6.67
C LEU C 34 -2.06 -12.57 7.41
N VAL C 35 -0.83 -12.36 7.88
CA VAL C 35 -0.03 -13.42 8.48
C VAL C 35 -0.10 -13.32 10.00
N VAL C 36 -0.46 -14.42 10.63
CA VAL C 36 -0.37 -14.57 12.08
C VAL C 36 0.63 -15.71 12.32
N ASP C 37 1.88 -15.34 12.62
CA ASP C 37 2.97 -16.30 12.79
C ASP C 37 3.13 -16.62 14.27
N LEU C 38 2.63 -17.78 14.68
CA LEU C 38 2.73 -18.19 16.08
C LEU C 38 4.01 -18.97 16.36
N SER C 39 4.76 -19.37 15.33
CA SER C 39 6.03 -20.04 15.56
C SER C 39 7.03 -19.12 16.27
N THR C 40 6.78 -17.82 16.27
CA THR C 40 7.60 -16.89 17.05
C THR C 40 6.97 -16.57 18.40
N GLN C 41 5.77 -17.08 18.68
CA GLN C 41 5.04 -16.76 19.89
C GLN C 41 4.86 -17.94 20.84
N ILE C 42 4.86 -19.18 20.33
CA ILE C 42 4.57 -20.36 21.13
C ILE C 42 5.73 -21.33 21.00
N PHE C 43 6.24 -21.78 22.15
CA PHE C 43 7.38 -22.69 22.19
C PHE C 43 7.11 -23.80 23.19
N CYS C 44 7.64 -24.99 22.88
CA CYS C 44 7.43 -26.17 23.70
C CYS C 44 8.74 -26.95 23.80
N HIS C 45 8.78 -27.88 24.75
CA HIS C 45 9.95 -28.72 24.94
C HIS C 45 9.54 -30.04 25.57
N ASN C 46 10.41 -31.04 25.42
CA ASN C 46 10.23 -32.36 26.03
C ASN C 46 11.00 -32.40 27.34
N ASP C 47 10.30 -32.73 28.43
CA ASP C 47 10.92 -32.71 29.75
C ASP C 47 11.83 -33.91 29.97
N TYR C 48 11.59 -35.03 29.29
CA TYR C 48 12.39 -36.25 29.43
C TYR C 48 12.64 -36.86 28.06
N PRO C 49 13.46 -36.21 27.25
CA PRO C 49 13.67 -36.69 25.88
C PRO C 49 14.50 -37.95 25.78
N GLU C 50 15.33 -38.27 26.78
CA GLU C 50 16.15 -39.48 26.69
C GLU C 50 15.30 -40.73 26.64
N THR C 51 14.16 -40.73 27.33
CA THR C 51 13.31 -41.90 27.41
C THR C 51 11.96 -41.72 26.72
N ILE C 52 11.50 -40.48 26.55
CA ILE C 52 10.18 -40.20 26.01
C ILE C 52 10.33 -39.37 24.74
N THR C 53 9.51 -39.70 23.74
CA THR C 53 9.38 -38.90 22.53
C THR C 53 7.97 -38.35 22.51
N ASP C 54 7.86 -37.03 22.44
CA ASP C 54 6.58 -36.35 22.47
C ASP C 54 6.14 -36.05 21.05
N TYR C 55 4.85 -36.16 20.83
CA TYR C 55 4.27 -35.93 19.53
C TYR C 55 3.17 -34.89 19.65
N VAL C 56 3.15 -33.95 18.72
CA VAL C 56 2.31 -32.76 18.82
C VAL C 56 1.61 -32.51 17.51
N THR C 57 0.28 -32.37 17.56
CA THR C 57 -0.51 -32.01 16.39
C THR C 57 -1.20 -30.68 16.64
N LEU C 58 -1.71 -30.11 15.56
CA LEU C 58 -2.76 -29.09 15.63
C LEU C 58 -4.07 -29.87 15.51
N GLN C 59 -4.73 -30.10 16.64
CA GLN C 59 -5.91 -30.96 16.63
C GLN C 59 -7.12 -30.20 16.07
N ARG C 60 -7.17 -28.89 16.27
CA ARG C 60 -8.30 -28.07 15.84
C ARG C 60 -7.87 -26.61 15.84
N GLY C 61 -8.24 -25.91 14.76
CA GLY C 61 -8.06 -24.49 14.68
C GLY C 61 -9.36 -23.83 14.31
N SER C 62 -9.92 -23.02 15.21
CA SER C 62 -11.19 -22.36 15.02
C SER C 62 -11.00 -20.86 14.89
N ALA C 63 -11.86 -20.24 14.09
CA ALA C 63 -11.83 -18.79 13.85
C ALA C 63 -12.95 -18.10 14.61
N TYR C 64 -12.69 -16.85 15.00
CA TYR C 64 -13.66 -16.11 15.79
C TYR C 64 -13.67 -14.65 15.36
N GLY C 65 -14.75 -13.97 15.71
CA GLY C 65 -14.83 -12.52 15.49
C GLY C 65 -14.70 -12.15 14.03
N GLY C 66 -13.86 -11.14 13.77
CA GLY C 66 -13.72 -10.62 12.42
C GLY C 66 -13.04 -11.59 11.47
N VAL C 67 -12.14 -12.43 12.00
CA VAL C 67 -11.53 -13.45 11.16
C VAL C 67 -12.58 -14.46 10.69
N LEU C 68 -13.49 -14.85 11.59
CA LEU C 68 -14.53 -15.79 11.21
C LEU C 68 -15.43 -15.19 10.14
N SER C 69 -15.77 -13.91 10.26
CA SER C 69 -16.77 -13.32 9.39
C SER C 69 -16.19 -12.72 8.12
N ASN C 70 -14.97 -12.19 8.16
CA ASN C 70 -14.44 -11.42 7.05
C ASN C 70 -13.27 -12.07 6.33
N PHE C 71 -12.82 -13.25 6.75
CA PHE C 71 -11.61 -13.82 6.19
C PHE C 71 -11.79 -15.28 5.81
N SER C 72 -11.07 -15.65 4.76
CA SER C 72 -10.87 -17.03 4.33
C SER C 72 -9.39 -17.30 4.37
N GLY C 73 -8.99 -18.51 4.78
CA GLY C 73 -7.57 -18.74 4.91
C GLY C 73 -7.21 -20.19 5.08
N THR C 74 -5.92 -20.41 5.18
CA THR C 74 -5.34 -21.72 5.44
C THR C 74 -4.48 -21.62 6.69
N VAL C 75 -4.11 -22.77 7.22
CA VAL C 75 -3.16 -22.87 8.31
C VAL C 75 -1.96 -23.66 7.79
N LYS C 76 -0.77 -23.17 8.10
CA LYS C 76 0.46 -23.83 7.68
C LYS C 76 1.07 -24.47 8.92
N TYR C 77 1.13 -25.81 8.93
CA TYR C 77 1.66 -26.56 10.06
C TYR C 77 2.84 -27.39 9.60
N SER C 78 4.02 -27.11 10.16
CA SER C 78 5.24 -27.86 9.87
C SER C 78 5.45 -28.00 8.36
N GLY C 79 5.30 -26.90 7.64
CA GLY C 79 5.61 -26.89 6.23
C GLY C 79 4.54 -27.40 5.31
N SER C 80 3.30 -27.56 5.79
CA SER C 80 2.21 -28.00 4.94
C SER C 80 0.99 -27.14 5.23
N SER C 81 0.22 -26.85 4.18
CA SER C 81 -0.95 -26.00 4.28
C SER C 81 -2.21 -26.84 4.47
N TYR C 82 -3.07 -26.39 5.37
CA TYR C 82 -4.36 -27.03 5.60
C TYR C 82 -5.41 -25.93 5.67
N PRO C 83 -6.67 -26.26 5.38
CA PRO C 83 -7.73 -25.24 5.50
C PRO C 83 -7.84 -24.72 6.92
N PHE C 84 -8.16 -23.44 7.04
CA PHE C 84 -8.45 -22.82 8.34
C PHE C 84 -9.74 -22.03 8.24
N PRO C 85 -10.75 -22.32 9.07
CA PRO C 85 -10.84 -23.34 10.14
C PRO C 85 -10.51 -24.75 9.65
N THR C 86 -9.94 -25.54 10.56
CA THR C 86 -9.36 -26.85 10.24
C THR C 86 -10.40 -27.96 10.25
N THR C 87 -10.43 -28.74 9.16
CA THR C 87 -11.39 -29.82 9.01
C THR C 87 -10.82 -31.17 9.42
N SER C 88 -9.58 -31.23 9.89
CA SER C 88 -9.02 -32.48 10.38
C SER C 88 -7.79 -32.19 11.23
N GLU C 89 -7.49 -33.12 12.12
CA GLU C 89 -6.26 -33.06 12.90
C GLU C 89 -5.05 -33.26 11.99
N THR C 90 -4.03 -32.44 12.19
CA THR C 90 -2.85 -32.50 11.35
C THR C 90 -1.99 -33.71 11.71
N PRO C 91 -0.97 -33.99 10.90
CA PRO C 91 0.05 -34.97 11.30
C PRO C 91 0.80 -34.54 12.55
N ARG C 92 1.66 -35.44 13.01
CA ARG C 92 2.38 -35.28 14.27
C ARG C 92 3.73 -34.61 14.06
N VAL C 93 4.12 -33.76 15.00
CA VAL C 93 5.46 -33.20 15.04
C VAL C 93 6.16 -33.76 16.28
N VAL C 94 7.42 -34.14 16.12
CA VAL C 94 8.19 -34.77 17.19
C VAL C 94 8.90 -33.68 17.98
N TYR C 95 8.79 -33.75 19.30
CA TYR C 95 9.56 -32.90 20.22
C TYR C 95 10.45 -33.83 21.04
N ASN C 96 11.76 -33.77 20.79
CA ASN C 96 12.72 -34.71 21.37
C ASN C 96 13.88 -33.99 22.05
N SER C 97 13.66 -32.76 22.50
CA SER C 97 14.71 -32.00 23.15
C SER C 97 14.11 -31.17 24.28
N ARG C 98 14.92 -30.96 25.31
CA ARG C 98 14.52 -30.07 26.40
C ARG C 98 14.60 -28.62 25.96
N THR C 99 15.30 -28.37 24.86
CA THR C 99 15.40 -27.03 24.30
C THR C 99 14.07 -26.57 23.72
N ASP C 100 13.70 -25.31 24.00
CA ASP C 100 12.44 -24.80 23.47
C ASP C 100 12.48 -24.76 21.96
N LYS C 101 11.47 -25.36 21.34
CA LYS C 101 11.32 -25.41 19.91
C LYS C 101 10.00 -24.78 19.53
N PRO C 102 9.96 -23.98 18.45
CA PRO C 102 8.69 -23.34 18.07
C PRO C 102 7.60 -24.37 17.77
N TRP C 103 6.36 -23.97 18.04
CA TRP C 103 5.19 -24.68 17.53
C TRP C 103 4.96 -24.15 16.12
N PRO C 104 5.25 -24.94 15.07
CA PRO C 104 5.28 -24.36 13.71
C PRO C 104 3.89 -24.13 13.13
N VAL C 105 3.21 -23.12 13.68
CA VAL C 105 1.87 -22.75 13.22
C VAL C 105 1.90 -21.33 12.67
N ALA C 106 1.20 -21.13 11.57
CA ALA C 106 1.06 -19.80 10.97
C ALA C 106 -0.23 -19.76 10.19
N LEU C 107 -1.04 -18.74 10.44
CA LEU C 107 -2.29 -18.54 9.72
C LEU C 107 -2.08 -17.61 8.54
N TYR C 108 -2.69 -17.95 7.40
CA TYR C 108 -2.66 -17.13 6.20
C TYR C 108 -4.11 -16.82 5.81
N LEU C 109 -4.56 -15.63 6.18
CA LEU C 109 -5.96 -15.23 6.02
C LEU C 109 -6.06 -14.14 4.97
N THR C 110 -6.97 -14.33 4.02
CA THR C 110 -7.22 -13.35 2.98
C THR C 110 -8.66 -12.85 3.06
N PRO C 111 -8.89 -11.55 2.84
CA PRO C 111 -10.26 -11.02 3.00
C PRO C 111 -11.23 -11.56 1.97
N VAL C 112 -12.48 -11.75 2.42
CA VAL C 112 -13.58 -12.11 1.53
C VAL C 112 -14.06 -10.88 0.77
N SER C 113 -14.82 -11.12 -0.30
CA SER C 113 -15.28 -10.03 -1.14
C SER C 113 -16.07 -9.00 -0.33
N SER C 114 -16.95 -9.47 0.55
CA SER C 114 -17.80 -8.56 1.32
C SER C 114 -17.06 -7.86 2.46
N ALA C 115 -15.83 -8.27 2.76
CA ALA C 115 -15.08 -7.61 3.82
C ALA C 115 -14.88 -6.14 3.47
N GLY C 116 -14.70 -5.33 4.50
CA GLY C 116 -14.57 -3.90 4.32
C GLY C 116 -14.72 -3.15 5.63
N GLY C 117 -13.95 -2.09 5.81
CA GLY C 117 -13.95 -1.39 7.07
C GLY C 117 -13.03 -2.08 8.06
N VAL C 118 -13.36 -1.97 9.34
CA VAL C 118 -12.60 -2.64 10.39
C VAL C 118 -12.95 -4.12 10.34
N ALA C 119 -12.13 -4.91 9.65
CA ALA C 119 -12.41 -6.32 9.52
C ALA C 119 -12.04 -7.10 10.77
N ILE C 120 -11.09 -6.60 11.55
CA ILE C 120 -10.70 -7.20 12.83
C ILE C 120 -10.58 -6.09 13.85
N LYS C 121 -11.26 -6.25 14.98
CA LYS C 121 -11.26 -5.25 16.03
C LYS C 121 -10.20 -5.53 17.08
N ALA C 122 -9.53 -4.45 17.51
CA ALA C 122 -8.47 -4.56 18.50
C ALA C 122 -8.97 -5.21 19.78
N GLY C 123 -8.14 -6.10 20.33
CA GLY C 123 -8.45 -6.79 21.57
C GLY C 123 -9.39 -7.95 21.44
N SER C 124 -9.87 -8.25 20.23
CA SER C 124 -10.86 -9.29 20.03
C SER C 124 -10.19 -10.64 19.79
N LEU C 125 -10.93 -11.70 20.09
CA LEU C 125 -10.47 -13.05 19.80
C LEU C 125 -10.56 -13.31 18.31
N ILE C 126 -9.48 -13.83 17.73
CA ILE C 126 -9.46 -14.16 16.31
C ILE C 126 -9.35 -15.65 16.05
N ALA C 127 -8.81 -16.43 16.99
CA ALA C 127 -8.63 -17.85 16.74
C ALA C 127 -8.41 -18.58 18.06
N VAL C 128 -8.79 -19.85 18.08
CA VAL C 128 -8.47 -20.77 19.17
C VAL C 128 -7.77 -21.97 18.54
N LEU C 129 -6.52 -22.22 18.96
CA LEU C 129 -5.71 -23.28 18.40
C LEU C 129 -5.40 -24.30 19.48
N ILE C 130 -5.74 -25.56 19.22
CA ILE C 130 -5.58 -26.63 20.18
C ILE C 130 -4.35 -27.44 19.80
N LEU C 131 -3.37 -27.45 20.70
CA LEU C 131 -2.17 -28.26 20.56
C LEU C 131 -2.40 -29.55 21.34
N ARG C 132 -2.45 -30.67 20.62
CA ARG C 132 -2.62 -31.98 21.23
C ARG C 132 -1.27 -32.66 21.34
N GLN C 133 -0.93 -33.09 22.55
CA GLN C 133 0.37 -33.70 22.82
C GLN C 133 0.16 -35.11 23.35
N THR C 134 0.88 -36.07 22.75
CA THR C 134 0.90 -37.43 23.24
C THR C 134 2.37 -37.86 23.32
N ASN C 135 2.62 -39.15 23.54
CA ASN C 135 3.99 -39.64 23.61
C ASN C 135 4.01 -41.12 23.27
N ASN C 136 5.22 -41.68 23.24
CA ASN C 136 5.42 -43.10 23.01
C ASN C 136 5.70 -43.87 24.31
N TYR C 137 5.34 -43.29 25.46
CA TYR C 137 5.65 -43.89 26.76
C TYR C 137 4.41 -44.32 27.53
N ASN C 138 3.38 -43.51 27.58
CA ASN C 138 2.16 -43.86 28.32
C ASN C 138 0.96 -43.37 27.53
N SER C 139 -0.18 -43.27 28.20
CA SER C 139 -1.44 -42.88 27.55
C SER C 139 -1.74 -41.39 27.71
N ASP C 140 -0.74 -40.58 28.01
CA ASP C 140 -0.97 -39.15 28.17
C ASP C 140 -1.54 -38.56 26.89
N ASP C 141 -2.57 -37.71 27.04
CA ASP C 141 -3.26 -37.12 25.91
C ASP C 141 -3.83 -35.78 26.40
N PHE C 142 -3.05 -34.73 26.22
CA PHE C 142 -3.31 -33.42 26.81
C PHE C 142 -3.51 -32.37 25.72
N GLN C 143 -4.39 -31.41 26.01
CA GLN C 143 -4.65 -30.32 25.10
C GLN C 143 -4.07 -29.02 25.65
N PHE C 144 -3.29 -28.33 24.82
CA PHE C 144 -2.76 -27.00 25.13
C PHE C 144 -3.53 -26.01 24.27
N VAL C 145 -4.42 -25.24 24.90
CA VAL C 145 -5.36 -24.37 24.21
C VAL C 145 -4.78 -22.96 24.15
N TRP C 146 -4.65 -22.44 22.94
CA TRP C 146 -4.07 -21.12 22.71
C TRP C 146 -5.14 -20.19 22.15
N ASN C 147 -5.49 -19.16 22.92
CA ASN C 147 -6.49 -18.18 22.52
C ASN C 147 -5.76 -16.97 21.94
N ILE C 148 -5.95 -16.73 20.64
CA ILE C 148 -5.22 -15.71 19.90
C ILE C 148 -6.07 -14.45 19.84
N TYR C 149 -5.52 -13.34 20.33
CA TYR C 149 -6.22 -12.06 20.36
C TYR C 149 -5.51 -11.04 19.49
N ALA C 150 -6.29 -10.19 18.83
CA ALA C 150 -5.73 -9.12 18.01
C ALA C 150 -5.38 -7.93 18.89
N ASN C 151 -4.15 -7.44 18.77
CA ASN C 151 -3.72 -6.28 19.53
C ASN C 151 -4.21 -4.96 18.93
N ASN C 152 -4.62 -4.95 17.67
CA ASN C 152 -4.95 -3.71 16.99
C ASN C 152 -6.00 -3.96 15.92
N ASP C 153 -6.57 -2.87 15.41
CA ASP C 153 -7.53 -2.93 14.33
C ASP C 153 -6.85 -3.33 13.02
N VAL C 154 -7.64 -3.97 12.14
CA VAL C 154 -7.22 -4.28 10.78
C VAL C 154 -8.32 -3.81 9.83
N VAL C 155 -7.96 -2.94 8.88
CA VAL C 155 -8.92 -2.36 7.93
C VAL C 155 -8.73 -3.01 6.56
N VAL C 156 -9.84 -3.26 5.87
CA VAL C 156 -9.85 -3.80 4.52
C VAL C 156 -10.38 -2.70 3.58
N PRO C 157 -9.57 -2.19 2.66
CA PRO C 157 -10.05 -1.16 1.73
C PRO C 157 -11.08 -1.67 0.72
N THR C 158 -11.78 -0.70 0.12
CA THR C 158 -12.82 -0.88 -0.91
C THR C 158 -14.20 -0.83 -0.26
N PHE D 1 -23.15 33.44 -17.33
CA PHE D 1 -22.23 32.50 -16.64
C PHE D 1 -23.04 31.34 -16.05
N ALA D 2 -22.65 30.11 -16.38
CA ALA D 2 -23.32 28.93 -15.88
C ALA D 2 -22.30 27.81 -15.75
N CYS D 3 -22.66 26.80 -14.96
CA CYS D 3 -21.76 25.70 -14.66
C CYS D 3 -22.47 24.37 -14.81
N LYS D 4 -21.69 23.34 -15.14
CA LYS D 4 -22.19 21.98 -15.25
C LYS D 4 -21.20 21.03 -14.62
N THR D 5 -21.72 19.89 -14.16
CA THR D 5 -20.90 18.82 -13.60
C THR D 5 -20.64 17.73 -14.63
N ALA D 6 -19.64 16.90 -14.33
CA ALA D 6 -19.30 15.80 -15.23
C ALA D 6 -20.51 14.89 -15.45
N ASN D 7 -21.33 14.69 -14.41
CA ASN D 7 -22.50 13.83 -14.54
C ASN D 7 -23.59 14.47 -15.40
N GLY D 8 -23.72 15.80 -15.33
CA GLY D 8 -24.64 16.50 -16.19
C GLY D 8 -25.50 17.53 -15.47
N THR D 9 -25.47 17.51 -14.14
CA THR D 9 -26.25 18.48 -13.37
C THR D 9 -25.74 19.89 -13.65
N ALA D 10 -26.66 20.80 -13.92
CA ALA D 10 -26.32 22.16 -14.30
C ALA D 10 -26.83 23.16 -13.25
N ILE D 11 -26.05 24.23 -13.06
CA ILE D 11 -26.47 25.38 -12.29
C ILE D 11 -26.55 26.55 -13.26
N PRO D 12 -27.71 27.15 -13.48
CA PRO D 12 -27.86 28.16 -14.53
C PRO D 12 -27.33 29.52 -14.10
N ILE D 13 -27.50 30.49 -15.00
CA ILE D 13 -27.19 31.88 -14.68
C ILE D 13 -27.92 32.26 -13.40
N GLY D 14 -27.22 32.99 -12.53
CA GLY D 14 -27.77 33.43 -11.26
C GLY D 14 -27.37 32.58 -10.08
N GLY D 15 -26.74 31.43 -10.31
CA GLY D 15 -26.29 30.59 -9.23
C GLY D 15 -27.29 29.55 -8.80
N GLY D 16 -26.94 28.89 -7.72
CA GLY D 16 -27.72 27.78 -7.20
C GLY D 16 -26.82 26.79 -6.52
N SER D 17 -27.32 25.58 -6.33
CA SER D 17 -26.55 24.52 -5.70
C SER D 17 -26.72 23.22 -6.47
N ALA D 18 -25.72 22.35 -6.36
CA ALA D 18 -25.77 21.05 -7.00
C ALA D 18 -24.94 20.07 -6.17
N ASN D 19 -25.27 18.79 -6.30
CA ASN D 19 -24.56 17.73 -5.59
C ASN D 19 -23.57 17.06 -6.53
N VAL D 20 -22.37 16.82 -6.03
CA VAL D 20 -21.30 16.19 -6.80
C VAL D 20 -20.85 14.94 -6.04
N TYR D 21 -21.03 13.78 -6.65
CA TYR D 21 -20.64 12.50 -6.05
C TYR D 21 -19.33 12.03 -6.67
N VAL D 22 -18.33 11.83 -5.82
CA VAL D 22 -16.97 11.54 -6.27
C VAL D 22 -16.51 10.20 -5.70
N ASN D 23 -15.80 9.43 -6.52
CA ASN D 23 -15.09 8.27 -6.04
C ASN D 23 -13.84 8.74 -5.30
N LEU D 24 -13.49 8.01 -4.24
CA LEU D 24 -12.35 8.38 -3.41
C LEU D 24 -11.42 7.18 -3.27
N ALA D 25 -10.13 7.47 -3.14
CA ALA D 25 -9.16 6.44 -2.80
C ALA D 25 -9.67 5.69 -1.57
N PRO D 26 -9.84 4.37 -1.63
CA PRO D 26 -10.47 3.66 -0.52
C PRO D 26 -9.60 3.54 0.72
N VAL D 27 -8.31 3.83 0.63
CA VAL D 27 -7.42 3.80 1.79
C VAL D 27 -6.47 4.99 1.70
N VAL D 28 -6.20 5.61 2.84
CA VAL D 28 -5.23 6.70 2.93
C VAL D 28 -4.48 6.57 4.26
N ASN D 29 -3.16 6.68 4.21
CA ASN D 29 -2.31 6.53 5.38
C ASN D 29 -1.90 7.89 5.93
N VAL D 30 -1.49 7.88 7.21
CA VAL D 30 -0.91 9.07 7.82
C VAL D 30 0.32 9.49 7.04
N GLY D 31 0.43 10.79 6.77
CA GLY D 31 1.49 11.33 5.94
C GLY D 31 1.16 11.41 4.48
N GLN D 32 0.09 10.75 4.04
CA GLN D 32 -0.37 10.73 2.67
C GLN D 32 -1.54 11.68 2.47
N ASN D 33 -1.73 12.11 1.23
CA ASN D 33 -2.83 13.00 0.87
C ASN D 33 -3.91 12.24 0.11
N LEU D 34 -5.15 12.38 0.57
CA LEU D 34 -6.32 11.95 -0.18
C LEU D 34 -6.73 13.09 -1.10
N VAL D 35 -6.79 12.83 -2.40
CA VAL D 35 -7.03 13.85 -3.41
C VAL D 35 -8.50 13.82 -3.82
N VAL D 36 -9.16 14.97 -3.73
CA VAL D 36 -10.50 15.14 -4.29
C VAL D 36 -10.35 16.17 -5.41
N ASP D 37 -10.28 15.70 -6.65
CA ASP D 37 -10.01 16.57 -7.80
C ASP D 37 -11.33 16.94 -8.47
N LEU D 38 -11.79 18.16 -8.23
CA LEU D 38 -13.00 18.67 -8.85
C LEU D 38 -12.73 19.36 -10.18
N SER D 39 -11.46 19.58 -10.54
CA SER D 39 -11.18 20.14 -11.86
C SER D 39 -11.65 19.20 -12.96
N THR D 40 -11.89 17.92 -12.65
CA THR D 40 -12.46 16.99 -13.60
C THR D 40 -13.96 16.81 -13.44
N GLN D 41 -14.57 17.45 -12.43
CA GLN D 41 -15.98 17.25 -12.12
C GLN D 41 -16.85 18.49 -12.34
N ILE D 42 -16.29 19.69 -12.23
CA ILE D 42 -17.07 20.93 -12.27
C ILE D 42 -16.50 21.83 -13.35
N PHE D 43 -17.38 22.30 -14.24
CA PHE D 43 -16.97 23.15 -15.36
C PHE D 43 -17.93 24.32 -15.48
N CYS D 44 -17.38 25.46 -15.93
CA CYS D 44 -18.14 26.70 -16.07
C CYS D 44 -17.71 27.40 -17.36
N HIS D 45 -18.51 28.39 -17.77
CA HIS D 45 -18.19 29.14 -18.98
C HIS D 45 -18.76 30.55 -18.92
N ASN D 46 -18.18 31.44 -19.74
CA ASN D 46 -18.62 32.82 -19.90
C ASN D 46 -19.56 32.92 -21.10
N ASP D 47 -20.76 33.46 -20.88
CA ASP D 47 -21.77 33.46 -21.92
C ASP D 47 -21.58 34.55 -22.97
N TYR D 48 -20.99 35.70 -22.63
CA TYR D 48 -20.85 36.81 -23.56
C TYR D 48 -19.47 37.41 -23.36
N PRO D 49 -18.44 36.63 -23.70
CA PRO D 49 -17.00 36.92 -23.53
C PRO D 49 -16.48 38.12 -24.30
N GLU D 50 -17.07 38.41 -25.44
CA GLU D 50 -16.62 39.51 -26.27
C GLU D 50 -16.73 40.84 -25.52
N THR D 51 -17.84 41.04 -24.81
CA THR D 51 -18.05 42.27 -24.07
C THR D 51 -17.90 42.21 -22.54
N ILE D 52 -17.95 41.01 -21.96
CA ILE D 52 -17.93 40.85 -20.51
C ILE D 52 -16.81 39.91 -20.10
N THR D 53 -16.17 40.23 -18.97
CA THR D 53 -15.18 39.36 -18.34
C THR D 53 -15.72 38.88 -17.00
N ASP D 54 -15.73 37.56 -16.81
CA ASP D 54 -16.24 36.96 -15.58
C ASP D 54 -15.08 36.71 -14.62
N TYR D 55 -15.35 36.90 -13.33
CA TYR D 55 -14.38 36.63 -12.29
C TYR D 55 -14.96 35.58 -11.35
N VAL D 56 -14.15 34.60 -10.99
CA VAL D 56 -14.61 33.42 -10.25
C VAL D 56 -13.62 33.15 -9.13
N THR D 57 -14.12 33.11 -7.90
CA THR D 57 -13.30 32.74 -6.76
C THR D 57 -13.88 31.50 -6.09
N LEU D 58 -13.06 30.90 -5.23
CA LEU D 58 -13.55 29.96 -4.21
C LEU D 58 -13.76 30.83 -2.98
N GLN D 59 -15.02 31.18 -2.70
CA GLN D 59 -15.28 32.11 -1.60
C GLN D 59 -15.11 31.43 -0.26
N ARG D 60 -15.46 30.14 -0.17
CA ARG D 60 -15.40 29.42 1.09
C ARG D 60 -15.45 27.94 0.79
N GLY D 61 -14.63 27.17 1.50
CA GLY D 61 -14.66 25.74 1.45
C GLY D 61 -14.82 25.17 2.84
N SER D 62 -15.93 24.49 3.10
CA SER D 62 -16.23 23.93 4.41
C SER D 62 -16.14 22.42 4.36
N ALA D 63 -15.72 21.84 5.48
CA ALA D 63 -15.58 20.40 5.63
C ALA D 63 -16.71 19.84 6.48
N TYR D 64 -17.08 18.60 6.17
CA TYR D 64 -18.20 17.94 6.85
C TYR D 64 -17.87 16.47 7.09
N GLY D 65 -18.61 15.87 8.02
CA GLY D 65 -18.54 14.44 8.24
C GLY D 65 -17.16 13.98 8.62
N GLY D 66 -16.71 12.89 7.96
CA GLY D 66 -15.43 12.30 8.30
C GLY D 66 -14.26 13.17 7.94
N VAL D 67 -14.39 13.99 6.89
CA VAL D 67 -13.33 14.93 6.55
C VAL D 67 -13.16 15.96 7.65
N LEU D 68 -14.26 16.47 8.19
CA LEU D 68 -14.17 17.47 9.25
C LEU D 68 -13.49 16.91 10.50
N SER D 69 -13.80 15.67 10.86
CA SER D 69 -13.34 15.13 12.13
C SER D 69 -11.99 14.41 12.02
N ASN D 70 -11.70 13.78 10.90
CA ASN D 70 -10.56 12.88 10.80
C ASN D 70 -9.45 13.40 9.91
N PHE D 71 -9.61 14.57 9.29
CA PHE D 71 -8.65 15.03 8.30
C PHE D 71 -8.24 16.47 8.51
N SER D 72 -6.99 16.73 8.13
CA SER D 72 -6.43 18.06 7.99
C SER D 72 -5.97 18.19 6.54
N GLY D 73 -6.15 19.35 5.95
CA GLY D 73 -5.79 19.45 4.55
C GLY D 73 -5.74 20.87 4.05
N THR D 74 -5.37 20.98 2.78
CA THR D 74 -5.32 22.24 2.07
C THR D 74 -6.20 22.15 0.83
N VAL D 75 -6.49 23.32 0.26
CA VAL D 75 -7.14 23.40 -1.05
C VAL D 75 -6.20 24.15 -1.97
N LYS D 76 -6.00 23.63 -3.18
CA LYS D 76 -5.19 24.28 -4.19
C LYS D 76 -6.12 24.82 -5.26
N TYR D 77 -6.13 26.14 -5.40
CA TYR D 77 -7.01 26.84 -6.35
C TYR D 77 -6.15 27.57 -7.36
N SER D 78 -6.29 27.20 -8.63
CA SER D 78 -5.59 27.85 -9.72
C SER D 78 -4.09 27.95 -9.44
N GLY D 79 -3.51 26.84 -9.00
CA GLY D 79 -2.08 26.76 -8.83
C GLY D 79 -1.52 27.28 -7.53
N SER D 80 -2.36 27.53 -6.51
CA SER D 80 -1.88 28.01 -5.23
C SER D 80 -2.61 27.28 -4.11
N SER D 81 -1.89 27.00 -3.02
CA SER D 81 -2.42 26.25 -1.89
C SER D 81 -2.99 27.19 -0.83
N TYR D 82 -4.14 26.82 -0.28
CA TYR D 82 -4.78 27.56 0.79
C TYR D 82 -5.27 26.58 1.85
N PRO D 83 -5.43 27.03 3.10
CA PRO D 83 -5.95 26.13 4.13
C PRO D 83 -7.35 25.63 3.78
N PHE D 84 -7.64 24.40 4.18
CA PHE D 84 -8.98 23.84 4.06
C PHE D 84 -9.37 23.21 5.38
N PRO D 85 -10.47 23.66 6.03
CA PRO D 85 -11.42 24.73 5.67
C PRO D 85 -10.74 26.06 5.40
N THR D 86 -11.35 26.82 4.49
CA THR D 86 -10.75 28.03 3.95
C THR D 86 -11.00 29.24 4.83
N THR D 87 -9.91 29.94 5.19
CA THR D 87 -10.00 31.09 6.08
C THR D 87 -10.05 32.41 5.33
N SER D 88 -10.09 32.38 3.99
CA SER D 88 -10.21 33.60 3.22
C SER D 88 -10.68 33.29 1.80
N GLU D 89 -11.33 34.28 1.19
CA GLU D 89 -11.73 34.18 -0.21
C GLU D 89 -10.48 34.18 -1.09
N THR D 90 -10.46 33.27 -2.07
CA THR D 90 -9.29 33.16 -2.92
C THR D 90 -9.20 34.32 -3.90
N PRO D 91 -8.07 34.46 -4.59
CA PRO D 91 -8.02 35.37 -5.75
C PRO D 91 -8.98 34.92 -6.84
N ARG D 92 -9.17 35.78 -7.83
CA ARG D 92 -10.15 35.51 -8.87
C ARG D 92 -9.50 34.87 -10.09
N VAL D 93 -10.26 34.00 -10.75
CA VAL D 93 -9.91 33.40 -12.02
C VAL D 93 -10.79 33.99 -13.10
N VAL D 94 -10.20 34.27 -14.26
CA VAL D 94 -10.91 34.90 -15.36
C VAL D 94 -11.52 33.81 -16.22
N TYR D 95 -12.81 33.96 -16.54
CA TYR D 95 -13.52 33.12 -17.50
C TYR D 95 -13.92 34.03 -18.65
N ASN D 96 -13.28 33.84 -19.81
CA ASN D 96 -13.43 34.75 -20.94
C ASN D 96 -13.76 34.01 -22.23
N SER D 97 -14.37 32.83 -22.12
CA SER D 97 -14.71 32.05 -23.31
C SER D 97 -16.02 31.33 -23.08
N ARG D 98 -16.73 31.06 -24.18
CA ARG D 98 -17.96 30.30 -24.09
C ARG D 98 -17.73 28.80 -23.92
N THR D 99 -16.56 28.31 -24.28
CA THR D 99 -16.25 26.89 -24.06
C THR D 99 -16.05 26.64 -22.57
N ASP D 100 -16.61 25.52 -22.10
CA ASP D 100 -16.52 25.20 -20.68
C ASP D 100 -15.08 24.94 -20.28
N LYS D 101 -14.66 25.58 -19.19
CA LYS D 101 -13.34 25.49 -18.59
C LYS D 101 -13.46 24.94 -17.17
N PRO D 102 -12.56 24.06 -16.75
CA PRO D 102 -12.67 23.51 -15.40
C PRO D 102 -12.62 24.59 -14.33
N TRP D 103 -13.28 24.32 -13.22
CA TRP D 103 -13.10 25.08 -11.98
C TRP D 103 -11.90 24.49 -11.26
N PRO D 104 -10.75 25.17 -11.23
CA PRO D 104 -9.51 24.51 -10.78
C PRO D 104 -9.42 24.36 -9.27
N VAL D 105 -10.24 23.46 -8.73
CA VAL D 105 -10.26 23.17 -7.30
C VAL D 105 -9.88 21.72 -7.08
N ALA D 106 -9.07 21.48 -6.05
CA ALA D 106 -8.70 20.13 -5.66
C ALA D 106 -8.37 20.13 -4.17
N LEU D 107 -8.97 19.18 -3.45
CA LEU D 107 -8.70 19.05 -2.02
C LEU D 107 -7.57 18.05 -1.80
N TYR D 108 -6.67 18.40 -0.89
CA TYR D 108 -5.56 17.53 -0.48
C TYR D 108 -5.70 17.31 1.02
N LEU D 109 -6.25 16.16 1.39
CA LEU D 109 -6.61 15.87 2.77
C LEU D 109 -5.68 14.79 3.33
N THR D 110 -5.12 15.04 4.50
CA THR D 110 -4.27 14.07 5.18
C THR D 110 -4.90 13.68 6.51
N PRO D 111 -4.85 12.39 6.87
CA PRO D 111 -5.48 11.98 8.13
C PRO D 111 -4.73 12.54 9.32
N VAL D 112 -5.49 12.88 10.37
CA VAL D 112 -4.89 13.28 11.63
C VAL D 112 -4.41 12.04 12.38
N SER D 113 -3.54 12.24 13.36
CA SER D 113 -3.00 11.12 14.12
C SER D 113 -4.11 10.27 14.72
N SER D 114 -5.16 10.91 15.26
CA SER D 114 -6.22 10.19 15.93
C SER D 114 -7.16 9.48 14.96
N ALA D 115 -7.06 9.75 13.66
CA ALA D 115 -7.90 9.07 12.70
C ALA D 115 -7.63 7.57 12.72
N GLY D 116 -8.60 6.79 12.26
CA GLY D 116 -8.48 5.35 12.28
C GLY D 116 -9.81 4.67 12.02
N GLY D 117 -9.78 3.57 11.27
CA GLY D 117 -11.01 2.92 10.89
C GLY D 117 -11.61 3.57 9.65
N VAL D 118 -12.93 3.54 9.58
CA VAL D 118 -13.64 4.18 8.47
C VAL D 118 -13.58 5.69 8.71
N ALA D 119 -12.62 6.35 8.06
CA ALA D 119 -12.47 7.79 8.24
C ALA D 119 -13.48 8.58 7.42
N ILE D 120 -13.98 8.01 6.32
CA ILE D 120 -15.03 8.63 5.52
C ILE D 120 -16.05 7.55 5.19
N LYS D 121 -17.32 7.86 5.42
CA LYS D 121 -18.42 6.91 5.20
C LYS D 121 -19.00 7.08 3.81
N ALA D 122 -19.28 5.96 3.15
CA ALA D 122 -19.85 6.00 1.83
C ALA D 122 -21.17 6.77 1.86
N GLY D 123 -21.37 7.60 0.84
CA GLY D 123 -22.59 8.38 0.72
C GLY D 123 -22.66 9.63 1.57
N SER D 124 -21.62 9.92 2.35
CA SER D 124 -21.66 11.05 3.26
C SER D 124 -21.14 12.33 2.61
N LEU D 125 -21.61 13.45 3.13
CA LEU D 125 -21.10 14.76 2.70
C LEU D 125 -19.71 14.97 3.27
N ILE D 126 -18.78 15.39 2.42
CA ILE D 126 -17.43 15.67 2.86
C ILE D 126 -17.07 17.15 2.76
N ALA D 127 -17.72 17.91 1.88
CA ALA D 127 -17.35 19.31 1.72
C ALA D 127 -18.43 20.06 0.98
N VAL D 128 -18.51 21.36 1.26
CA VAL D 128 -19.33 22.29 0.50
C VAL D 128 -18.40 23.38 0.00
N LEU D 129 -18.33 23.55 -1.32
CA LEU D 129 -17.45 24.51 -1.95
C LEU D 129 -18.29 25.56 -2.65
N ILE D 130 -18.06 26.83 -2.31
CA ILE D 130 -18.83 27.94 -2.85
C ILE D 130 -18.02 28.63 -3.93
N LEU D 131 -18.56 28.65 -5.13
CA LEU D 131 -17.98 29.38 -6.25
C LEU D 131 -18.68 30.72 -6.34
N ARG D 132 -17.93 31.79 -6.14
CA ARG D 132 -18.44 33.15 -6.24
C ARG D 132 -18.08 33.71 -7.61
N GLN D 133 -19.09 34.20 -8.33
CA GLN D 133 -18.91 34.73 -9.67
C GLN D 133 -19.34 36.19 -9.71
N THR D 134 -18.48 37.04 -10.28
CA THR D 134 -18.80 38.44 -10.55
C THR D 134 -18.40 38.75 -11.98
N ASN D 135 -18.41 40.03 -12.36
CA ASN D 135 -17.99 40.41 -13.70
C ASN D 135 -17.53 41.87 -13.68
N ASN D 136 -17.08 42.34 -14.84
CA ASN D 136 -16.67 43.73 -15.02
C ASN D 136 -17.74 44.55 -15.73
N TYR D 137 -18.98 44.10 -15.72
CA TYR D 137 -20.07 44.74 -16.45
C TYR D 137 -21.17 45.30 -15.56
N ASN D 138 -21.62 44.58 -14.55
CA ASN D 138 -22.68 45.07 -13.69
C ASN D 138 -22.39 44.62 -12.26
N SER D 139 -23.42 44.64 -11.41
CA SER D 139 -23.29 44.31 -10.00
C SER D 139 -23.62 42.85 -9.70
N ASP D 140 -23.61 42.00 -10.72
CA ASP D 140 -23.91 40.59 -10.50
C ASP D 140 -22.92 39.99 -9.52
N ASP D 141 -23.44 39.21 -8.58
CA ASP D 141 -22.63 38.60 -7.52
C ASP D 141 -23.33 37.31 -7.12
N PHE D 142 -22.97 36.22 -7.78
CA PHE D 142 -23.71 34.96 -7.69
C PHE D 142 -22.85 33.88 -7.06
N GLN D 143 -23.52 33.04 -6.27
CA GLN D 143 -22.89 31.94 -5.55
C GLN D 143 -23.32 30.62 -6.17
N PHE D 144 -22.34 29.79 -6.53
CA PHE D 144 -22.58 28.44 -7.02
C PHE D 144 -22.10 27.46 -5.95
N VAL D 145 -23.05 26.83 -5.26
CA VAL D 145 -22.77 25.99 -4.11
C VAL D 145 -22.66 24.54 -4.57
N TRP D 146 -21.52 23.92 -4.29
CA TRP D 146 -21.25 22.55 -4.72
C TRP D 146 -21.15 21.66 -3.49
N ASN D 147 -22.06 20.70 -3.36
CA ASN D 147 -22.08 19.75 -2.24
C ASN D 147 -21.36 18.48 -2.66
N ILE D 148 -20.23 18.20 -2.04
CA ILE D 148 -19.36 17.10 -2.42
C ILE D 148 -19.67 15.90 -1.52
N TYR D 149 -20.02 14.77 -2.15
CA TYR D 149 -20.37 13.55 -1.44
C TYR D 149 -19.39 12.44 -1.78
N ALA D 150 -19.08 11.61 -0.78
CA ALA D 150 -18.21 10.46 -0.98
C ALA D 150 -19.03 9.29 -1.51
N ASN D 151 -18.55 8.67 -2.59
CA ASN D 151 -19.21 7.50 -3.15
C ASN D 151 -18.90 6.22 -2.40
N ASN D 152 -17.83 6.20 -1.60
CA ASN D 152 -17.36 4.96 -0.98
C ASN D 152 -16.68 5.26 0.34
N ASP D 153 -16.46 4.20 1.12
CA ASP D 153 -15.74 4.32 2.37
C ASP D 153 -14.26 4.58 2.14
N VAL D 154 -13.63 5.25 3.10
CA VAL D 154 -12.19 5.45 3.12
C VAL D 154 -11.67 5.02 4.49
N VAL D 155 -10.74 4.06 4.51
CA VAL D 155 -10.20 3.52 5.74
C VAL D 155 -8.79 4.07 5.94
N VAL D 156 -8.47 4.39 7.19
CA VAL D 156 -7.14 4.85 7.58
C VAL D 156 -6.51 3.77 8.44
N PRO D 157 -5.43 3.12 8.00
CA PRO D 157 -4.79 2.11 8.85
C PRO D 157 -4.19 2.77 10.08
N THR D 158 -4.02 1.97 11.13
CA THR D 158 -3.51 2.48 12.39
C THR D 158 -2.29 1.67 12.85
C1 MMA E . 0.75 -19.73 -15.37
C2 MMA E . 2.06 -18.96 -15.40
C3 MMA E . 3.21 -19.82 -14.90
C4 MMA E . 2.85 -20.33 -13.53
C5 MMA E . 1.59 -21.15 -13.61
C6 MMA E . 1.20 -21.68 -12.25
C7 MMA E . -0.43 -21.49 -16.33
O1 MMA E . 0.75 -20.70 -16.39
O2 MMA E . 1.91 -17.84 -14.55
O3 MMA E . 4.42 -19.08 -14.84
O4 MMA E . 3.90 -21.10 -12.97
O5 MMA E . 0.53 -20.34 -14.11
O6 MMA E . -0.11 -22.23 -12.29
H1 MMA E . -0.06 -19.01 -15.56
H2 MMA E . 2.27 -18.64 -16.43
H3 MMA E . 3.33 -20.69 -15.58
H4 MMA E . 2.65 -19.46 -12.87
H5 MMA E . 1.77 -22.00 -14.29
H61 MMA E . 1.24 -20.88 -11.52
H62 MMA E . 1.91 -22.46 -11.94
H71 MMA E . -0.37 -22.26 -17.07
H72 MMA E . -1.27 -20.87 -16.53
H73 MMA E . -0.52 -21.93 -15.38
HO3 MMA E . 4.64 -18.76 -15.73
HO4 MMA E . 4.70 -20.56 -12.89
HO6 MMA E . -0.58 -21.88 -13.07
C1 MAN E . 1.72 -16.67 -15.35
C2 MAN E . 2.42 -15.53 -14.64
C3 MAN E . 1.80 -15.39 -13.26
C4 MAN E . 0.30 -15.17 -13.37
C5 MAN E . -0.32 -16.24 -14.24
C6 MAN E . -1.78 -15.93 -14.51
O2 MAN E . 2.27 -14.33 -15.38
O3 MAN E . 2.42 -14.31 -12.57
O4 MAN E . -0.30 -15.22 -12.09
O5 MAN E . 0.36 -16.36 -15.49
O6 MAN E . -1.87 -14.89 -15.46
H2 MAN E . 3.49 -15.78 -14.52
H3 MAN E . 1.97 -16.32 -12.69
H4 MAN E . 0.12 -14.18 -13.83
H5 MAN E . -0.26 -17.20 -13.71
H61 MAN E . -2.27 -15.62 -13.57
H62 MAN E . -2.29 -16.83 -14.87
HO2 MAN E . 2.68 -14.44 -16.25
HO3 MAN E . 3.37 -14.47 -12.50
HO4 MAN E . 0.10 -14.55 -11.52
HO6 MAN E . -2.15 -14.07 -15.03
C1 MMA F . 16.18 18.63 3.49
C2 MMA F . 16.48 17.82 2.24
C3 MMA F . 16.47 18.75 1.05
C4 MMA F . 15.11 19.39 0.97
C5 MMA F . 14.81 20.14 2.24
C6 MMA F . 13.40 20.70 2.18
C7 MMA F . 16.97 20.37 4.80
O1 MMA F . 17.21 19.58 3.66
O2 MMA F . 15.48 16.80 2.11
O3 MMA F . 16.77 18.02 -0.14
O4 MMA F . 15.05 20.30 -0.13
O5 MMA F . 14.94 19.29 3.38
O6 MMA F . 13.23 21.71 3.19
H1 MMA F . 16.16 17.95 4.35
H2 MMA F . 17.48 17.36 2.35
H3 MMA F . 17.23 19.53 1.20
H4 MMA F . 14.35 18.61 0.84
H5 MMA F . 15.52 20.98 2.33
H61 MMA F . 12.68 19.91 2.34
H62 MMA F . 13.22 21.14 1.20
H71 MMA F . 17.75 21.08 4.91
H72 MMA F . 16.93 19.75 5.66
H73 MMA F . 16.05 20.89 4.69
HO3 MMA F . 17.65 17.62 -0.07
HO4 MMA F . 15.23 19.82 -0.95
HO6 MMA F . 13.40 21.33 4.06
C1 MAN F . 16.04 15.58 2.60
C2 MAN F . 15.45 14.45 1.78
C3 MAN F . 13.94 14.47 1.97
C4 MAN F . 13.60 14.34 3.44
C5 MAN F . 14.35 15.37 4.26
C6 MAN F . 14.17 15.11 5.74
O2 MAN F . 15.99 13.20 2.19
O3 MAN F . 13.38 13.41 1.21
O4 MAN F . 12.21 14.54 3.61
O5 MAN F . 15.73 15.37 3.96
O6 MAN F . 14.96 13.99 6.14
H2 MAN F . 15.67 14.63 0.71
H3 MAN F . 13.56 15.43 1.60
H4 MAN F . 13.88 13.33 3.79
H5 MAN F . 13.92 16.36 4.03
H61 MAN F . 13.12 14.91 5.96
H62 MAN F . 14.46 15.99 6.31
HO2 MAN F . 16.95 13.21 2.06
HO3 MAN F . 13.61 13.52 0.28
HO4 MAN F . 11.72 13.89 3.08
HO6 MAN F . 14.37 13.27 6.41
C1 MMA G . 6.86 -36.78 34.15
C2 MMA G . 5.63 -36.55 33.30
C3 MMA G . 4.60 -37.59 33.68
C4 MMA G . 5.19 -38.98 33.48
C5 MMA G . 6.57 -39.12 34.09
C6 MMA G . 7.19 -40.43 33.62
C7 MMA G . 7.47 -37.26 36.38
O1 MMA G . 6.43 -36.86 35.50
O2 MMA G . 6.00 -36.64 31.91
O3 MMA G . 3.41 -37.47 32.88
O4 MMA G . 4.33 -39.93 34.12
O5 MMA G . 7.41 -38.03 33.74
O6 MMA G . 7.54 -41.22 34.76
H1 MMA G . 7.58 -35.96 34.01
H2 MMA G . 5.23 -35.54 33.51
H3 MMA G . 4.35 -37.47 34.74
H4 MMA G . 5.24 -39.19 32.40
H5 MMA G . 6.46 -39.16 35.18
H61 MMA G . 8.09 -40.21 33.03
H62 MMA G . 6.49 -40.97 33.00
H71 MMA G . 7.10 -37.31 37.37
H72 MMA G . 8.26 -36.56 36.33
H73 MMA G . 7.82 -38.22 36.09
HO3 MMA G . 2.89 -36.74 33.21
HO4 MMA G . 3.45 -39.88 33.73
HO6 MMA G . 8.10 -41.96 34.48
C1 MAN G . 5.90 -35.35 31.32
C2 MAN G . 4.54 -35.24 30.67
C3 MAN G . 4.44 -36.29 29.59
C4 MAN G . 5.58 -36.13 28.60
C5 MAN G . 6.92 -36.10 29.31
C6 MAN G . 8.01 -35.75 28.32
O2 MAN G . 4.38 -33.94 30.11
O3 MAN G . 3.20 -36.16 28.92
O4 MAN G . 5.55 -37.20 27.67
O5 MAN G . 6.91 -35.13 30.34
O6 MAN G . 7.79 -34.43 27.80
H2 MAN G . 3.75 -35.41 31.41
H3 MAN G . 4.51 -37.28 30.05
H4 MAN G . 5.43 -35.17 28.07
H5 MAN G . 7.12 -37.09 29.73
H61 MAN G . 8.02 -36.47 27.50
H62 MAN G . 8.99 -35.78 28.81
HO2 MAN G . 4.48 -33.27 30.81
HO3 MAN G . 2.47 -36.24 29.56
HO4 MAN G . 4.69 -37.22 27.22
HO6 MAN G . 8.05 -34.41 26.86
C1 MMA H . -25.42 39.61 -19.98
C2 MMA H . -25.84 38.23 -19.52
C3 MMA H . -27.36 38.16 -19.46
C4 MMA H . -27.82 39.23 -18.50
C5 MMA H . -27.39 40.57 -19.05
C6 MMA H . -27.89 41.73 -18.20
C7 MMA H . -25.46 41.17 -21.70
O1 MMA H . -25.86 39.87 -21.30
O2 MMA H . -25.24 38.03 -18.23
O3 MMA H . -27.86 36.89 -19.07
O4 MMA H . -29.24 39.18 -18.35
O5 MMA H . -25.97 40.60 -19.12
O6 MMA H . -28.15 42.86 -19.03
H1 MMA H . -24.32 39.67 -19.95
H2 MMA H . -25.47 37.48 -20.23
H3 MMA H . -27.74 38.42 -20.46
H4 MMA H . -27.33 39.08 -17.52
H5 MMA H . -27.81 40.68 -20.07
H61 MMA H . -27.15 41.99 -17.44
H62 MMA H . -28.81 41.44 -17.68
H71 MMA H . -25.79 41.35 -22.69
H72 MMA H . -24.41 41.24 -21.66
H73 MMA H . -25.89 41.89 -21.05
HO3 MMA H . -27.57 36.21 -19.71
HO4 MMA H . -29.50 38.32 -17.97
HO6 MMA H . -28.38 43.63 -18.47
C1 MAN H . -24.84 36.67 -18.02
C2 MAN H . -24.85 36.47 -16.52
C3 MAN H . -23.83 37.42 -15.93
C4 MAN H . -22.47 37.12 -16.50
C5 MAN H . -22.50 37.15 -18.01
C6 MAN H . -21.18 36.61 -18.56
O2 MAN H . -24.55 35.12 -16.22
O3 MAN H . -23.80 37.29 -14.52
O4 MAN H . -21.54 38.08 -16.03
O5 MAN H . -23.56 36.34 -18.52
O6 MAN H . -20.93 35.30 -18.08
H2 MAN H . -25.86 36.74 -16.13
H3 MAN H . -24.10 38.45 -16.20
H4 MAN H . -22.16 36.11 -16.17
H5 MAN H . -22.62 38.18 -18.35
H61 MAN H . -20.36 37.28 -18.26
H62 MAN H . -21.21 36.60 -19.65
HO2 MAN H . -25.22 34.54 -16.61
HO3 MAN H . -24.68 37.46 -14.16
HO4 MAN H . -21.51 38.08 -15.06
HO6 MAN H . -20.13 34.94 -18.50
S SO4 I . 1.12 -38.95 11.51
O1 SO4 I . 1.59 -38.37 10.26
O2 SO4 I . 2.06 -38.60 12.57
O3 SO4 I . -0.20 -38.43 11.83
O4 SO4 I . 1.05 -40.40 11.37
S SO4 J . -7.40 39.23 -7.18
O1 SO4 J . -6.75 38.35 -8.15
O2 SO4 J . -7.70 40.51 -7.82
O3 SO4 J . -6.52 39.44 -6.05
O4 SO4 J . -8.65 38.61 -6.73
#